data_8IRT
#
_entry.id   8IRT
#
loop_
_entity.id
_entity.type
_entity.pdbx_description
1 polymer 'Guanine nucleotide-binding protein G(i) subunit alpha-1'
2 polymer 'Guanine nucleotide-binding protein G(I)/G(S)/G(T) subunit beta-1'
3 polymer ScFv16
4 polymer 'Guanine nucleotide-binding protein G(I)/G(S)/G(O) subunit gamma-2'
5 polymer 'Soluble cytochrome b562,D(3) dopamine receptor'
6 non-polymer Rotigotine
7 water water
#
loop_
_entity_poly.entity_id
_entity_poly.type
_entity_poly.pdbx_seq_one_letter_code
_entity_poly.pdbx_strand_id
1 'polypeptide(L)'
;MGCTLSAEDKAAVERSKMIDRNLREDGEKAAREVKLLLLGAGESGKNTIVKQMKIIHEAGYSEEECKQYKAVVYSNTIQS
IIAIIRAMGRLKIDFGDSARADDARQLFVLAGAAEEGFMTAELAGVIKRLWKDSGVQACFNRSREYQLNDSAAYYLNDLD
RIAQPNYIPTQQDVLRTRVKTTGIVETHFTFKDLHFKMFDVGAQRSERKKWIHCFEGVTAIIFCVALSDYDLVLAEDEEM
NRMHASMKLFDSICNNKWFTDTSIILFLNKKDLFEEKIKKSPLTICYPEYAGSNTYEEAAAYIQCQFEDLNKRKDTKEIY
THFTCSTDTKNVQFVFDAVTDVIIKNNLKDCGLF
;
A
2 'polypeptide(L)'
;MGSLLQSELDQLRQEAEQLKNQIRDARKACADATLSQITNNIDPVGRIQMRTRRTLRGHLAKIYAMHWGTDSRLLVSASQ
DGKLIIWDSYTTNKVHAIPLRSSWVMTCAYAPSGNYVACGGLDNICSIYNLKTREGNVRVSRELAGHTGYLSCCRFLDDN
QIVTSSGDTTCALWDIETGQQTTTFTGHTGDVMSLSLAPDTRLFVSGACDASAKLWDVREGMCRQTFTGHESDINAICFF
PNGNAFATGSDDATCRLFDLRADQELMTYSHDNIICGITSVSFSKSGRLLLAGYDDFNCNVWDALKADRAGVLAGHDNRV
SCLGVTDDGMAVATGSWDSFLKIWN
;
B
3 'polypeptide(L)'
;DVQLVESGGGLVQPGGSRKLSCSASGFAFSSFGMHWVRQAPEKGLEWVAYISSGSGTIYYADTVKGRFTISRDDPKNTLF
LQMTSLRSEDTAMYYCVRSIYYYGSSPFDFWGQGTTLTVSSGGGGSGGGGSGGGGSDIVMTQATSSVPVTPGESVSISCR
SSKSLLHSNGNTYLYWFLQRPGQSPQLLIYRMSNLASGVPDRFSGSGSGTAFTLTISRLEAEDVGVYYCMQHLEYPLTFG
AGTKLELK
;
E
4 'polypeptide(L)' MASNNTASIAQARKLVEQLKMEANIDRIKVSKAAADLMAYCEAHAKEDPLLTPVPASENPFREKKFFCAIL G
5 'polypeptide(L)'
;DYKDDDDAKLQTMHHHHHHHHHHHHHHHADLEDNWETLNDNLKVIEKADNAAQVKDALTKMRAAALDAQKATPPKLEDKS
PDSPEMKDFRHGFDILVGQIDDALKLANEGKVKEAQAAAEQLKTTRNAYIQKYLASENLYFQGGTMASLSQLSSHLNYTC
GAENSTGASQARPHAYYALSYCALILAIVFGNGLVCMAVLKERALQTTTNYLVVSLAVADLLVATLVMPWVVYLEVTGGV
WNFSRICCDVFVTLDVMMCTASILNLCAISIDRYTAVVMPVHYQHGTGQSSCRRVALMITAVWVLAFAVSCPLLFGFNTT
GDPTVCSISNPDFVIYSSVVSFYLPFGVTVLVYARIYVVLKQRRRKRILTRQNSQCNSVRPGFPQQTLSPDPAHLELKRY
YSICQDTALGGPGFQERGGELKREEKTRNSLSPTIAPKLSLEVRKLSNGRLSTSLKLGPLQPRGVPLREKKATQMVAIVL
GAFIVCWLPFFLTHVLNTHCQTCHVSPELYSATTWLGYVNSALNPVIYTTFNIEFRKAFLKILSC
;
R
#
# COMPACT_ATOMS: atom_id res chain seq x y z
N GLY A 2 -25.53 1.73 8.69
CA GLY A 2 -25.57 0.85 9.86
C GLY A 2 -25.71 1.64 11.15
N CYS A 3 -26.66 1.23 12.01
CA CYS A 3 -27.01 1.95 13.24
C CYS A 3 -25.90 1.96 14.30
N THR A 4 -24.96 1.01 14.24
CA THR A 4 -23.84 0.88 15.19
C THR A 4 -22.83 2.03 15.15
N LEU A 5 -22.81 2.87 14.10
CA LEU A 5 -21.86 3.99 13.95
C LEU A 5 -22.53 5.32 14.32
N SER A 6 -21.86 6.12 15.13
CA SER A 6 -22.30 7.48 15.48
C SER A 6 -22.28 8.41 14.26
N ALA A 7 -22.87 9.59 14.36
CA ALA A 7 -22.79 10.61 13.33
C ALA A 7 -21.33 10.99 12.96
N GLU A 8 -20.42 10.99 13.93
CA GLU A 8 -19.00 11.24 13.71
C GLU A 8 -18.25 10.04 13.17
N ASP A 9 -18.57 8.81 13.60
CA ASP A 9 -18.04 7.61 12.95
C ASP A 9 -18.41 7.57 11.46
N LYS A 10 -19.65 7.87 11.10
CA LYS A 10 -20.09 7.90 9.71
C LYS A 10 -19.32 8.93 8.90
N ALA A 11 -19.08 10.11 9.45
CA ALA A 11 -18.29 11.15 8.80
C ALA A 11 -16.79 10.82 8.73
N ALA A 12 -16.24 10.05 9.67
CA ALA A 12 -14.89 9.51 9.62
C ALA A 12 -14.74 8.40 8.58
N VAL A 13 -15.72 7.51 8.43
CA VAL A 13 -15.76 6.51 7.36
C VAL A 13 -15.89 7.19 6.00
N GLU A 14 -16.69 8.23 5.89
CA GLU A 14 -16.78 9.03 4.66
C GLU A 14 -15.45 9.70 4.31
N ARG A 15 -14.74 10.30 5.26
CA ARG A 15 -13.38 10.80 5.06
C ARG A 15 -12.41 9.70 4.65
N SER A 16 -12.45 8.55 5.30
CA SER A 16 -11.61 7.41 4.97
C SER A 16 -11.82 6.93 3.55
N LYS A 17 -13.07 6.86 3.08
CA LYS A 17 -13.43 6.51 1.71
C LYS A 17 -13.05 7.60 0.70
N MET A 18 -13.13 8.86 1.06
CA MET A 18 -12.62 9.96 0.24
C MET A 18 -11.09 9.97 0.13
N ILE A 19 -10.39 9.52 1.17
CA ILE A 19 -8.95 9.27 1.13
C ILE A 19 -8.65 8.09 0.21
N ASP A 20 -9.32 6.94 0.34
CA ASP A 20 -9.25 5.85 -0.64
C ASP A 20 -9.44 6.29 -2.08
N ARG A 21 -10.43 7.12 -2.38
CA ARG A 21 -10.65 7.65 -3.72
C ARG A 21 -9.44 8.41 -4.25
N ASN A 22 -8.76 9.20 -3.43
CA ASN A 22 -7.56 9.92 -3.80
C ASN A 22 -6.31 9.01 -3.87
N LEU A 23 -6.18 8.01 -2.99
CA LEU A 23 -5.11 7.03 -3.04
C LEU A 23 -5.16 6.20 -4.33
N ARG A 24 -6.35 5.74 -4.68
CA ARG A 24 -6.65 4.99 -5.90
C ARG A 24 -6.41 5.85 -7.14
N GLU A 25 -6.85 7.10 -7.15
CA GLU A 25 -6.54 8.02 -8.23
C GLU A 25 -5.03 8.27 -8.39
N ASP A 26 -4.30 8.50 -7.29
CA ASP A 26 -2.85 8.67 -7.36
C ASP A 26 -2.13 7.39 -7.78
N GLY A 27 -2.65 6.21 -7.43
CA GLY A 27 -2.20 4.92 -7.95
C GLY A 27 -2.43 4.75 -9.45
N GLU A 28 -3.57 5.18 -9.98
CA GLU A 28 -3.82 5.24 -11.42
C GLU A 28 -2.79 6.14 -12.11
N LYS A 29 -2.52 7.33 -11.58
CA LYS A 29 -1.48 8.23 -12.09
C LYS A 29 -0.10 7.58 -12.03
N ALA A 30 0.26 6.93 -10.92
CA ALA A 30 1.55 6.29 -10.73
C ALA A 30 1.76 5.04 -11.61
N ALA A 31 0.70 4.31 -11.96
CA ALA A 31 0.78 3.12 -12.79
C ALA A 31 1.08 3.43 -14.26
N ARG A 32 0.61 4.58 -14.78
CA ARG A 32 0.89 5.05 -16.15
C ARG A 32 2.23 5.77 -16.31
N GLU A 33 3.05 5.81 -15.27
CA GLU A 33 4.40 6.39 -15.28
C GLU A 33 5.46 5.29 -15.35
N VAL A 34 6.41 5.46 -16.27
CA VAL A 34 7.55 4.57 -16.46
C VAL A 34 8.59 4.89 -15.40
N LYS A 35 8.85 3.96 -14.48
CA LYS A 35 9.90 4.05 -13.48
C LYS A 35 11.21 3.62 -14.13
N LEU A 36 12.21 4.48 -14.23
CA LEU A 36 13.54 4.18 -14.75
C LEU A 36 14.60 4.39 -13.68
N LEU A 37 15.37 3.36 -13.32
CA LEU A 37 16.52 3.51 -12.45
C LEU A 37 17.76 3.89 -13.28
N LEU A 38 18.37 5.04 -13.08
CA LEU A 38 19.59 5.46 -13.78
C LEU A 38 20.86 5.08 -13.00
N LEU A 39 21.68 4.20 -13.56
CA LEU A 39 22.93 3.68 -13.01
C LEU A 39 24.12 3.94 -13.95
N GLY A 40 25.29 3.45 -13.58
CA GLY A 40 26.59 3.76 -14.21
C GLY A 40 27.57 4.39 -13.24
N ALA A 41 28.88 4.28 -13.53
CA ALA A 41 29.96 4.90 -12.74
C ALA A 41 29.90 6.44 -12.76
N GLY A 42 30.68 7.12 -11.91
CA GLY A 42 30.53 8.56 -11.66
C GLY A 42 30.57 9.47 -12.90
N GLU A 43 31.57 9.31 -13.76
CA GLU A 43 31.74 10.10 -15.00
C GLU A 43 31.18 9.41 -16.26
N SER A 44 30.31 8.40 -16.08
CA SER A 44 29.82 7.51 -17.14
C SER A 44 28.92 8.14 -18.21
N GLY A 45 28.62 9.43 -18.15
CA GLY A 45 27.70 10.12 -19.07
C GLY A 45 26.26 10.24 -18.57
N LYS A 46 25.96 9.81 -17.33
CA LYS A 46 24.66 10.04 -16.66
C LYS A 46 24.15 11.46 -16.80
N ASN A 47 24.99 12.48 -16.59
CA ASN A 47 24.59 13.88 -16.67
C ASN A 47 24.19 14.29 -18.10
N THR A 48 24.89 13.78 -19.11
CA THR A 48 24.54 13.98 -20.54
C THR A 48 23.20 13.33 -20.88
N ILE A 49 22.97 12.10 -20.40
CA ILE A 49 21.67 11.43 -20.49
C ILE A 49 20.59 12.26 -19.79
N VAL A 50 20.77 12.63 -18.53
CA VAL A 50 19.78 13.43 -17.77
C VAL A 50 19.45 14.74 -18.50
N LYS A 51 20.44 15.46 -19.04
CA LYS A 51 20.18 16.65 -19.86
C LYS A 51 19.30 16.33 -21.06
N GLN A 52 19.67 15.35 -21.88
CA GLN A 52 18.91 14.98 -23.08
C GLN A 52 17.50 14.46 -22.75
N MET A 53 17.34 13.64 -21.71
CA MET A 53 16.03 13.16 -21.25
C MET A 53 15.14 14.31 -20.75
N LYS A 54 15.67 15.19 -19.89
CA LYS A 54 14.94 16.35 -19.36
C LYS A 54 14.56 17.33 -20.48
N ILE A 55 15.46 17.54 -21.44
CA ILE A 55 15.21 18.25 -22.70
C ILE A 55 14.50 17.32 -23.68
N THR A 182 23.10 15.54 -1.99
CA THR A 182 23.03 14.07 -1.89
C THR A 182 21.58 13.57 -1.95
N GLY A 183 21.39 12.24 -1.98
CA GLY A 183 20.08 11.59 -2.10
C GLY A 183 19.69 11.39 -3.56
N ILE A 184 18.55 10.74 -3.81
CA ILE A 184 18.08 10.48 -5.17
C ILE A 184 17.76 11.78 -5.89
N VAL A 185 18.27 11.92 -7.10
CA VAL A 185 17.79 12.91 -8.06
C VAL A 185 16.73 12.23 -8.90
N GLU A 186 15.47 12.59 -8.67
CA GLU A 186 14.33 12.11 -9.41
C GLU A 186 13.99 13.17 -10.46
N THR A 187 14.06 12.84 -11.74
CA THR A 187 13.75 13.77 -12.84
C THR A 187 12.63 13.22 -13.72
N HIS A 188 11.72 14.09 -14.15
CA HIS A 188 10.54 13.71 -14.90
C HIS A 188 10.68 14.20 -16.34
N PHE A 189 10.32 13.37 -17.30
CA PHE A 189 10.16 13.79 -18.68
C PHE A 189 8.94 13.12 -19.31
N THR A 190 8.44 13.70 -20.39
CA THR A 190 7.33 13.14 -21.17
C THR A 190 7.78 13.01 -22.62
N PHE A 191 7.50 11.86 -23.24
CA PHE A 191 7.81 11.62 -24.63
C PHE A 191 6.73 10.71 -25.23
N LYS A 192 6.06 11.20 -26.28
CA LYS A 192 4.90 10.56 -26.94
C LYS A 192 3.88 10.00 -25.95
N ASP A 193 3.49 10.85 -25.01
CA ASP A 193 2.52 10.60 -23.93
C ASP A 193 2.85 9.49 -22.91
N LEU A 194 4.00 8.81 -22.99
CA LEU A 194 4.56 8.16 -21.82
C LEU A 194 5.17 9.22 -20.89
N HIS A 195 4.91 9.11 -19.60
CA HIS A 195 5.55 9.91 -18.58
C HIS A 195 6.63 9.06 -17.93
N PHE A 196 7.86 9.53 -17.90
CA PHE A 196 9.01 8.82 -17.40
C PHE A 196 9.53 9.49 -16.14
N LYS A 197 9.79 8.70 -15.10
CA LYS A 197 10.50 9.14 -13.91
C LYS A 197 11.84 8.43 -13.86
N MET A 198 12.90 9.20 -13.86
CA MET A 198 14.30 8.78 -13.82
C MET A 198 14.84 8.95 -12.42
N PHE A 199 15.27 7.87 -11.77
CA PHE A 199 15.88 7.91 -10.46
C PHE A 199 17.39 7.76 -10.59
N ASP A 200 18.11 8.86 -10.55
CA ASP A 200 19.56 8.83 -10.41
C ASP A 200 19.94 8.62 -8.94
N VAL A 201 20.30 7.38 -8.60
CA VAL A 201 20.79 6.97 -7.28
C VAL A 201 22.29 7.22 -7.09
N GLY A 202 22.93 8.06 -7.92
CA GLY A 202 24.38 8.24 -7.95
C GLY A 202 24.97 8.96 -6.75
N ALA A 203 24.22 9.87 -6.11
CA ALA A 203 24.68 10.70 -5.01
C ALA A 203 24.36 10.09 -3.63
N GLN A 204 24.56 8.77 -3.47
CA GLN A 204 24.05 8.00 -2.33
C GLN A 204 25.15 7.37 -1.45
N ARG A 205 26.32 7.00 -1.98
CA ARG A 205 27.56 6.63 -1.22
C ARG A 205 27.42 5.54 -0.14
N SER A 206 26.38 4.71 -0.20
CA SER A 206 25.94 3.82 0.88
C SER A 206 25.63 2.43 0.34
N GLU A 207 25.50 1.45 1.23
CA GLU A 207 25.49 0.02 0.91
C GLU A 207 24.29 -0.35 0.04
N ARG A 208 24.54 -0.57 -1.25
CA ARG A 208 23.50 -0.65 -2.28
C ARG A 208 22.49 -1.73 -2.00
N LYS A 209 22.90 -2.90 -1.49
CA LYS A 209 21.98 -4.00 -1.17
C LYS A 209 20.95 -3.68 -0.06
N LYS A 210 21.09 -2.56 0.67
CA LYS A 210 20.12 -2.11 1.66
C LYS A 210 18.98 -1.28 1.07
N TRP A 211 19.13 -0.77 -0.14
CA TRP A 211 18.13 0.10 -0.77
C TRP A 211 17.84 -0.20 -2.23
N ILE A 212 18.60 -1.03 -2.91
CA ILE A 212 18.37 -1.32 -4.32
C ILE A 212 17.05 -2.06 -4.55
N HIS A 213 16.55 -2.81 -3.56
CA HIS A 213 15.25 -3.46 -3.59
C HIS A 213 14.05 -2.51 -3.55
N CYS A 214 14.23 -1.22 -3.30
CA CYS A 214 13.22 -0.20 -3.53
C CYS A 214 12.82 -0.12 -5.00
N PHE A 215 13.75 -0.48 -5.88
CA PHE A 215 13.60 -0.39 -7.32
C PHE A 215 13.13 -1.68 -7.98
N GLU A 216 12.77 -2.72 -7.24
CA GLU A 216 12.27 -3.97 -7.83
C GLU A 216 11.11 -3.77 -8.84
N GLY A 217 10.26 -2.76 -8.66
CA GLY A 217 9.16 -2.43 -9.57
C GLY A 217 9.51 -1.50 -10.75
N VAL A 218 10.79 -1.21 -10.98
CA VAL A 218 11.27 -0.41 -12.11
C VAL A 218 10.97 -1.07 -13.46
N THR A 219 10.59 -0.26 -14.45
CA THR A 219 10.32 -0.73 -15.81
C THR A 219 11.60 -1.22 -16.48
N ALA A 220 12.61 -0.36 -16.55
CA ALA A 220 13.93 -0.69 -17.04
C ALA A 220 14.97 0.06 -16.21
N ILE A 221 16.12 -0.55 -16.00
CA ILE A 221 17.31 0.17 -15.60
C ILE A 221 17.86 0.87 -16.83
N ILE A 222 18.30 2.11 -16.73
CA ILE A 222 19.21 2.70 -17.71
C ILE A 222 20.58 2.62 -17.09
N PHE A 223 21.52 2.00 -17.77
CA PHE A 223 22.89 1.90 -17.32
C PHE A 223 23.78 2.71 -18.23
N CYS A 224 24.53 3.65 -17.68
CA CYS A 224 25.47 4.46 -18.42
C CYS A 224 26.88 3.91 -18.31
N VAL A 225 27.58 3.88 -19.44
CA VAL A 225 29.01 3.56 -19.53
C VAL A 225 29.67 4.68 -20.30
N ALA A 226 30.77 5.24 -19.80
CA ALA A 226 31.60 6.10 -20.64
C ALA A 226 32.42 5.19 -21.55
N LEU A 227 32.06 5.16 -22.83
CA LEU A 227 32.72 4.31 -23.82
C LEU A 227 34.21 4.64 -23.98
N SER A 228 34.56 5.91 -23.80
CA SER A 228 35.93 6.44 -23.76
C SER A 228 36.81 5.96 -22.60
N ASP A 229 36.25 5.28 -21.60
CA ASP A 229 36.97 4.94 -20.36
C ASP A 229 37.57 3.51 -20.36
N TYR A 230 37.76 2.90 -21.53
CA TYR A 230 38.52 1.66 -21.70
C TYR A 230 40.00 1.84 -21.38
N ASP A 231 40.54 3.03 -21.64
CA ASP A 231 41.89 3.47 -21.29
C ASP A 231 41.77 4.71 -20.41
N LEU A 232 41.27 4.52 -19.18
CA LEU A 232 41.28 5.48 -18.09
C LEU A 232 41.21 4.76 -16.73
N VAL A 233 41.69 5.42 -15.67
CA VAL A 233 41.97 4.84 -14.35
C VAL A 233 40.90 5.24 -13.32
N LEU A 234 40.55 4.30 -12.45
CA LEU A 234 39.48 4.42 -11.45
C LEU A 234 39.82 5.43 -10.34
N MET A 240 41.07 -1.50 -11.28
CA MET A 240 41.78 -0.25 -11.44
C MET A 240 41.41 0.45 -12.77
N ASN A 241 40.96 -0.33 -13.76
CA ASN A 241 40.48 0.16 -15.05
C ASN A 241 39.00 0.55 -14.97
N ARG A 242 38.63 1.75 -15.46
CA ARG A 242 37.24 2.25 -15.35
C ARG A 242 36.20 1.42 -16.12
N MET A 243 36.55 0.89 -17.28
CA MET A 243 35.64 0.03 -18.03
C MET A 243 35.40 -1.29 -17.29
N HIS A 244 36.44 -1.91 -16.71
CA HIS A 244 36.25 -3.06 -15.83
C HIS A 244 35.47 -2.73 -14.55
N ALA A 245 35.62 -1.55 -13.96
CA ALA A 245 34.77 -1.11 -12.85
C ALA A 245 33.30 -0.97 -13.28
N SER A 246 33.06 -0.39 -14.45
CA SER A 246 31.71 -0.28 -15.04
C SER A 246 31.12 -1.66 -15.32
N MET A 247 31.90 -2.60 -15.82
CA MET A 247 31.47 -3.98 -16.01
C MET A 247 31.18 -4.70 -14.69
N LYS A 248 31.96 -4.48 -13.63
CA LYS A 248 31.70 -5.10 -12.32
C LYS A 248 30.41 -4.56 -11.69
N LEU A 249 30.19 -3.25 -11.82
CA LEU A 249 28.94 -2.60 -11.45
C LEU A 249 27.77 -3.15 -12.26
N PHE A 250 27.91 -3.20 -13.58
CA PHE A 250 26.91 -3.76 -14.48
C PHE A 250 26.56 -5.20 -14.15
N ASP A 251 27.54 -6.08 -13.96
CA ASP A 251 27.35 -7.47 -13.55
C ASP A 251 26.56 -7.57 -12.24
N SER A 252 26.95 -6.81 -11.21
CA SER A 252 26.27 -6.84 -9.91
C SER A 252 24.83 -6.33 -9.95
N ILE A 253 24.52 -5.36 -10.81
CA ILE A 253 23.19 -4.81 -11.04
C ILE A 253 22.36 -5.72 -11.92
N CYS A 254 22.94 -6.20 -13.01
CA CYS A 254 22.26 -7.03 -13.98
C CYS A 254 21.82 -8.34 -13.35
N ASN A 255 22.72 -9.02 -12.64
CA ASN A 255 22.49 -10.36 -12.11
C ASN A 255 21.92 -10.35 -10.68
N ASN A 256 21.48 -9.19 -10.22
CA ASN A 256 20.87 -8.93 -8.93
C ASN A 256 19.52 -9.66 -8.77
N LYS A 257 19.25 -10.23 -7.60
CA LYS A 257 17.96 -10.88 -7.28
C LYS A 257 16.74 -9.97 -7.36
N TRP A 258 16.90 -8.65 -7.24
CA TRP A 258 15.80 -7.69 -7.33
C TRP A 258 15.45 -7.30 -8.75
N PHE A 259 16.30 -7.64 -9.72
CA PHE A 259 16.18 -7.18 -11.09
C PHE A 259 16.15 -8.33 -12.10
N THR A 260 15.87 -9.57 -11.68
CA THR A 260 15.94 -10.75 -12.55
C THR A 260 15.12 -10.58 -13.83
N ASP A 261 13.92 -10.04 -13.69
CA ASP A 261 12.94 -9.73 -14.72
C ASP A 261 13.19 -8.39 -15.43
N THR A 262 13.96 -7.50 -14.83
CA THR A 262 14.07 -6.09 -15.21
C THR A 262 15.05 -5.95 -16.36
N SER A 263 14.63 -5.39 -17.48
CA SER A 263 15.52 -5.13 -18.60
C SER A 263 16.50 -4.00 -18.30
N ILE A 264 17.52 -3.87 -19.12
CA ILE A 264 18.51 -2.80 -19.03
C ILE A 264 18.59 -2.09 -20.36
N ILE A 265 18.56 -0.78 -20.37
CA ILE A 265 18.99 0.05 -21.50
C ILE A 265 20.45 0.42 -21.25
N LEU A 266 21.40 -0.08 -22.05
CA LEU A 266 22.78 0.43 -21.99
C LEU A 266 22.88 1.69 -22.83
N PHE A 267 23.36 2.78 -22.26
CA PHE A 267 23.93 3.86 -23.06
C PHE A 267 25.44 3.82 -22.97
N LEU A 268 26.07 3.66 -24.13
CA LEU A 268 27.52 3.73 -24.30
C LEU A 268 27.80 5.17 -24.74
N ASN A 269 28.08 6.04 -23.77
CA ASN A 269 27.80 7.48 -23.83
C ASN A 269 28.69 8.43 -24.63
N LYS A 270 29.88 8.04 -25.07
CA LYS A 270 30.87 9.00 -25.61
C LYS A 270 31.51 8.49 -26.89
N LYS A 271 30.68 8.12 -27.88
CA LYS A 271 31.17 7.48 -29.11
C LYS A 271 32.12 8.37 -29.92
N ASP A 272 31.95 9.69 -29.85
CA ASP A 272 32.85 10.68 -30.45
C ASP A 272 34.25 10.64 -29.83
N LEU A 273 34.37 10.76 -28.50
CA LEU A 273 35.65 10.69 -27.80
C LEU A 273 36.24 9.28 -27.85
N PHE A 274 35.41 8.25 -27.94
CA PHE A 274 35.89 6.89 -28.23
C PHE A 274 36.49 6.78 -29.63
N GLU A 275 35.88 7.34 -30.69
CA GLU A 275 36.51 7.42 -32.01
C GLU A 275 37.84 8.22 -32.00
N GLU A 276 37.94 9.29 -31.21
CA GLU A 276 39.18 10.03 -31.07
C GLU A 276 40.28 9.21 -30.37
N LYS A 277 39.93 8.46 -29.31
CA LYS A 277 40.89 7.67 -28.53
C LYS A 277 41.26 6.33 -29.17
N ILE A 278 40.32 5.62 -29.80
CA ILE A 278 40.56 4.27 -30.31
C ILE A 278 41.62 4.24 -31.42
N LYS A 279 41.67 5.30 -32.23
CA LYS A 279 42.72 5.56 -33.23
C LYS A 279 44.12 5.71 -32.63
N LYS A 280 44.21 6.07 -31.34
CA LYS A 280 45.45 6.37 -30.60
C LYS A 280 45.86 5.24 -29.64
N SER A 281 44.91 4.63 -28.93
CA SER A 281 45.15 3.60 -27.91
C SER A 281 44.26 2.35 -28.13
N PRO A 282 44.82 1.13 -28.19
CA PRO A 282 44.06 -0.11 -28.44
C PRO A 282 43.13 -0.53 -27.28
N LEU A 283 42.12 -1.36 -27.56
CA LEU A 283 41.32 -1.97 -26.49
C LEU A 283 42.11 -2.91 -25.58
N THR A 284 43.30 -3.35 -25.96
CA THR A 284 44.14 -4.24 -25.15
C THR A 284 44.54 -3.62 -23.80
N ILE A 285 44.38 -2.31 -23.62
CA ILE A 285 44.48 -1.67 -22.29
C ILE A 285 43.41 -2.21 -21.32
N CYS A 286 42.18 -2.44 -21.80
CA CYS A 286 41.11 -3.05 -21.03
C CYS A 286 41.07 -4.57 -21.19
N TYR A 287 41.09 -5.06 -22.43
CA TYR A 287 40.93 -6.47 -22.78
C TYR A 287 42.15 -7.02 -23.54
N PRO A 288 43.21 -7.48 -22.85
CA PRO A 288 44.30 -8.23 -23.48
C PRO A 288 43.82 -9.49 -24.24
N GLU A 289 42.63 -9.99 -23.90
CA GLU A 289 41.94 -11.13 -24.53
C GLU A 289 41.39 -10.82 -25.94
N TYR A 290 41.30 -9.54 -26.33
CA TYR A 290 40.75 -9.10 -27.61
C TYR A 290 41.69 -9.36 -28.81
N ALA A 291 41.11 -9.52 -30.01
CA ALA A 291 41.84 -9.88 -31.24
C ALA A 291 41.29 -9.21 -32.53
N GLY A 292 40.45 -8.18 -32.42
CA GLY A 292 39.94 -7.41 -33.56
C GLY A 292 40.71 -6.11 -33.81
N SER A 293 40.22 -5.29 -34.75
CA SER A 293 40.82 -3.99 -35.11
C SER A 293 40.52 -2.86 -34.11
N ASN A 294 41.37 -1.82 -34.08
CA ASN A 294 41.11 -0.53 -33.39
C ASN A 294 40.26 0.42 -34.26
N THR A 295 39.58 -0.07 -35.30
CA THR A 295 38.47 0.64 -35.93
C THR A 295 37.30 0.76 -34.95
N TYR A 296 36.50 1.82 -35.09
CA TYR A 296 35.32 2.05 -34.24
C TYR A 296 34.38 0.85 -34.21
N GLU A 297 33.99 0.32 -35.39
CA GLU A 297 32.99 -0.73 -35.53
C GLU A 297 33.31 -1.97 -34.68
N GLU A 298 34.49 -2.54 -34.88
CA GLU A 298 34.90 -3.77 -34.19
C GLU A 298 35.15 -3.53 -32.70
N ALA A 299 35.63 -2.36 -32.33
CA ALA A 299 35.92 -2.02 -30.94
C ALA A 299 34.64 -1.75 -30.14
N ALA A 300 33.74 -0.92 -30.67
CA ALA A 300 32.45 -0.61 -30.09
C ALA A 300 31.56 -1.86 -29.98
N ALA A 301 31.47 -2.66 -31.05
CA ALA A 301 30.74 -3.92 -31.02
C ALA A 301 31.32 -4.90 -29.98
N TYR A 302 32.65 -4.96 -29.83
CA TYR A 302 33.26 -5.83 -28.83
C TYR A 302 32.93 -5.37 -27.42
N ILE A 303 32.99 -4.06 -27.12
CA ILE A 303 32.59 -3.54 -25.82
C ILE A 303 31.12 -3.84 -25.53
N GLN A 304 30.20 -3.59 -26.47
CA GLN A 304 28.80 -3.99 -26.30
C GLN A 304 28.69 -5.46 -25.92
N CYS A 305 29.38 -6.36 -26.61
CA CYS A 305 29.35 -7.78 -26.26
C CYS A 305 29.98 -8.07 -24.90
N GLN A 306 31.04 -7.36 -24.51
CA GLN A 306 31.65 -7.49 -23.19
C GLN A 306 30.71 -7.06 -22.06
N PHE A 307 29.75 -6.17 -22.29
CA PHE A 307 28.65 -5.93 -21.35
C PHE A 307 27.52 -6.95 -21.51
N GLU A 308 27.02 -7.21 -22.70
CA GLU A 308 25.87 -8.08 -22.89
C GLU A 308 26.13 -9.56 -22.55
N ASP A 309 27.38 -10.01 -22.58
CA ASP A 309 27.79 -11.33 -22.07
C ASP A 309 27.78 -11.40 -20.54
N LEU A 310 27.61 -10.28 -19.84
CA LEU A 310 27.40 -10.27 -18.39
C LEU A 310 25.97 -10.67 -18.00
N ASN A 311 25.00 -10.68 -18.92
CA ASN A 311 23.72 -11.32 -18.64
C ASN A 311 23.81 -12.81 -18.29
N LYS A 312 23.52 -13.13 -17.04
CA LYS A 312 22.96 -14.44 -16.72
C LYS A 312 21.45 -14.24 -17.01
N ARG A 313 20.57 -15.19 -16.73
CA ARG A 313 19.11 -14.93 -16.75
C ARG A 313 18.57 -14.43 -18.12
N LYS A 314 19.20 -14.78 -19.25
CA LYS A 314 18.80 -14.37 -20.62
C LYS A 314 17.39 -14.85 -21.02
N ASP A 315 16.85 -15.85 -20.32
CA ASP A 315 15.46 -16.29 -20.42
C ASP A 315 14.46 -15.18 -20.06
N THR A 316 14.78 -14.35 -19.07
CA THR A 316 13.83 -13.39 -18.47
C THR A 316 14.20 -11.91 -18.66
N LYS A 317 15.44 -11.63 -19.09
CA LYS A 317 16.01 -10.27 -19.24
C LYS A 317 16.55 -9.99 -20.64
N GLU A 318 16.40 -8.76 -21.10
CA GLU A 318 17.01 -8.24 -22.32
C GLU A 318 17.81 -6.95 -22.06
N ILE A 319 18.91 -6.77 -22.77
CA ILE A 319 19.67 -5.51 -22.79
C ILE A 319 19.41 -4.79 -24.11
N TYR A 320 19.07 -3.51 -24.02
CA TYR A 320 18.81 -2.62 -25.13
C TYR A 320 19.99 -1.64 -25.24
N THR A 321 21.04 -1.99 -25.98
CA THR A 321 22.25 -1.16 -26.06
C THR A 321 22.11 -0.05 -27.10
N HIS A 322 22.60 1.15 -26.80
CA HIS A 322 22.56 2.30 -27.70
C HIS A 322 23.82 3.16 -27.58
N PHE A 323 24.58 3.25 -28.66
CA PHE A 323 25.75 4.13 -28.75
C PHE A 323 25.31 5.58 -28.82
N THR A 324 25.94 6.41 -28.01
CA THR A 324 25.39 7.70 -27.59
C THR A 324 26.47 8.78 -27.65
N CYS A 325 26.05 10.04 -27.78
CA CYS A 325 26.89 11.20 -28.08
C CYS A 325 26.18 12.49 -27.62
N SER A 326 26.64 13.67 -28.04
CA SER A 326 25.84 14.90 -28.10
C SER A 326 24.73 14.74 -29.15
N THR A 327 23.49 14.43 -28.73
CA THR A 327 22.36 14.10 -29.62
C THR A 327 21.03 14.30 -28.88
N ASP A 328 20.18 15.23 -29.34
CA ASP A 328 19.01 15.68 -28.56
C ASP A 328 17.87 14.64 -28.49
N THR A 329 17.37 14.17 -29.64
CA THR A 329 16.11 13.40 -29.70
C THR A 329 16.29 11.88 -29.70
N LYS A 330 17.29 11.35 -30.44
CA LYS A 330 17.39 9.90 -30.71
C LYS A 330 17.53 9.07 -29.44
N ASN A 331 18.20 9.59 -28.42
CA ASN A 331 18.39 8.86 -27.16
C ASN A 331 17.08 8.76 -26.37
N VAL A 332 16.25 9.80 -26.38
CA VAL A 332 14.93 9.80 -25.72
C VAL A 332 13.98 8.87 -26.46
N GLN A 333 14.00 8.91 -27.80
CA GLN A 333 13.30 7.96 -28.65
C GLN A 333 13.75 6.52 -28.37
N PHE A 334 15.04 6.26 -28.15
CA PHE A 334 15.51 4.94 -27.78
C PHE A 334 14.97 4.46 -26.43
N VAL A 335 14.90 5.33 -25.41
CA VAL A 335 14.25 4.96 -24.14
C VAL A 335 12.79 4.60 -24.40
N PHE A 336 12.06 5.42 -25.14
CA PHE A 336 10.66 5.16 -25.46
C PHE A 336 10.46 3.85 -26.23
N ASP A 337 11.28 3.58 -27.24
CA ASP A 337 11.28 2.32 -27.99
C ASP A 337 11.53 1.12 -27.08
N ALA A 338 12.64 1.14 -26.34
CA ALA A 338 13.03 0.04 -25.47
C ALA A 338 12.04 -0.18 -24.34
N VAL A 339 11.49 0.89 -23.75
CA VAL A 339 10.45 0.81 -22.74
C VAL A 339 9.14 0.29 -23.30
N THR A 340 8.75 0.68 -24.52
CA THR A 340 7.56 0.11 -25.14
C THR A 340 7.72 -1.39 -25.38
N ASP A 341 8.87 -1.87 -25.84
CA ASP A 341 9.14 -3.30 -25.95
C ASP A 341 9.08 -4.01 -24.59
N VAL A 342 9.58 -3.38 -23.53
CA VAL A 342 9.52 -3.90 -22.17
C VAL A 342 8.11 -3.96 -21.64
N ILE A 343 7.29 -2.93 -21.85
CA ILE A 343 5.89 -2.93 -21.44
C ILE A 343 5.13 -4.00 -22.22
N ILE A 344 5.28 -4.09 -23.54
CA ILE A 344 4.66 -5.15 -24.34
C ILE A 344 5.02 -6.52 -23.77
N LYS A 345 6.29 -6.79 -23.47
CA LYS A 345 6.71 -8.06 -22.89
C LYS A 345 6.17 -8.29 -21.48
N ASN A 346 5.99 -7.25 -20.67
CA ASN A 346 5.31 -7.38 -19.38
C ASN A 346 3.84 -7.74 -19.56
N ASN A 347 3.14 -7.08 -20.47
CA ASN A 347 1.77 -7.40 -20.80
C ASN A 347 1.64 -8.84 -21.31
N LEU A 348 2.53 -9.27 -22.18
CA LEU A 348 2.55 -10.65 -22.67
C LEU A 348 2.84 -11.68 -21.58
N LYS A 349 3.61 -11.36 -20.53
CA LYS A 349 3.67 -12.19 -19.33
C LYS A 349 2.33 -12.20 -18.60
N ASP A 350 1.72 -11.03 -18.40
CA ASP A 350 0.43 -10.85 -17.70
C ASP A 350 -0.76 -11.55 -18.37
N CYS A 351 -0.64 -11.93 -19.64
CA CYS A 351 -1.62 -12.75 -20.35
C CYS A 351 -1.04 -14.06 -20.93
N GLY A 352 0.09 -14.54 -20.43
CA GLY A 352 0.62 -15.89 -20.68
C GLY A 352 1.32 -16.14 -22.02
N LEU A 353 1.33 -15.19 -22.95
CA LEU A 353 2.01 -15.32 -24.25
C LEU A 353 3.54 -15.35 -24.15
N PHE A 354 4.14 -14.78 -23.09
CA PHE A 354 5.60 -14.70 -22.86
C PHE A 354 6.01 -15.33 -21.52
N GLU B 8 53.63 5.09 15.28
CA GLU B 8 52.28 5.43 15.79
C GLU B 8 51.23 4.36 15.49
N LEU B 9 50.82 4.17 14.23
CA LEU B 9 49.61 3.41 13.87
C LEU B 9 49.63 1.93 14.30
N ASP B 10 50.77 1.25 14.21
CA ASP B 10 50.91 -0.15 14.65
C ASP B 10 50.70 -0.29 16.17
N GLN B 11 51.21 0.65 16.97
CA GLN B 11 51.04 0.65 18.42
C GLN B 11 49.58 0.91 18.82
N LEU B 12 48.91 1.85 18.15
CA LEU B 12 47.48 2.12 18.33
C LEU B 12 46.64 0.89 17.94
N ARG B 13 46.97 0.20 16.85
CA ARG B 13 46.32 -1.04 16.42
C ARG B 13 46.55 -2.20 17.41
N GLN B 14 47.76 -2.35 17.94
CA GLN B 14 48.04 -3.29 19.03
C GLN B 14 47.24 -2.96 20.29
N GLU B 15 47.19 -1.69 20.69
CA GLU B 15 46.41 -1.25 21.84
C GLU B 15 44.90 -1.46 21.63
N ALA B 16 44.38 -1.21 20.43
CA ALA B 16 43.00 -1.52 20.07
C ALA B 16 42.69 -3.02 20.17
N GLU B 17 43.54 -3.88 19.61
CA GLU B 17 43.39 -5.34 19.70
C GLU B 17 43.53 -5.83 21.16
N GLN B 18 44.43 -5.25 21.94
CA GLN B 18 44.62 -5.54 23.36
C GLN B 18 43.38 -5.15 24.18
N LEU B 19 42.80 -3.98 23.93
CA LEU B 19 41.51 -3.59 24.51
C LEU B 19 40.38 -4.51 24.05
N LYS B 20 40.37 -4.98 22.80
CA LYS B 20 39.41 -5.99 22.32
C LYS B 20 39.56 -7.35 23.05
N ASN B 21 40.78 -7.76 23.39
CA ASN B 21 41.03 -8.91 24.27
C ASN B 21 40.48 -8.65 25.67
N GLN B 22 40.82 -7.51 26.29
CA GLN B 22 40.36 -7.16 27.64
C GLN B 22 38.85 -7.05 27.75
N ILE B 23 38.16 -6.45 26.77
CA ILE B 23 36.71 -6.31 26.83
C ILE B 23 35.99 -7.65 26.64
N ARG B 24 36.40 -8.52 25.71
CA ARG B 24 35.77 -9.85 25.60
C ARG B 24 36.11 -10.77 26.77
N ASP B 25 37.29 -10.62 27.37
CA ASP B 25 37.63 -11.27 28.65
C ASP B 25 36.69 -10.80 29.78
N ALA B 26 36.38 -9.51 29.86
CA ALA B 26 35.42 -8.98 30.82
C ALA B 26 33.98 -9.49 30.56
N ARG B 27 33.52 -9.55 29.30
CA ARG B 27 32.24 -10.19 28.96
C ARG B 27 32.23 -11.67 29.38
N LYS B 28 33.25 -12.44 29.00
CA LYS B 28 33.41 -13.86 29.35
C LYS B 28 33.43 -14.10 30.86
N ALA B 29 34.04 -13.22 31.64
CA ALA B 29 34.00 -13.24 33.11
C ALA B 29 32.58 -13.00 33.68
N CYS B 30 31.74 -12.22 33.00
CA CYS B 30 30.34 -12.05 33.37
C CYS B 30 29.47 -13.29 33.07
N ALA B 31 29.83 -14.09 32.07
CA ALA B 31 29.04 -15.21 31.56
C ALA B 31 29.02 -16.45 32.47
N ASP B 32 28.65 -16.29 33.74
CA ASP B 32 28.59 -17.38 34.72
C ASP B 32 27.52 -18.44 34.43
N ALA B 33 26.36 -18.04 33.90
CA ALA B 33 25.31 -18.91 33.38
C ALA B 33 24.55 -18.24 32.23
N THR B 34 24.07 -19.01 31.26
CA THR B 34 23.28 -18.47 30.12
C THR B 34 21.79 -18.35 30.47
N LEU B 35 21.06 -17.45 29.79
CA LEU B 35 19.61 -17.26 29.98
C LEU B 35 18.84 -18.57 29.87
N SER B 36 19.22 -19.46 28.94
CA SER B 36 18.59 -20.78 28.79
C SER B 36 18.62 -21.60 30.09
N GLN B 37 19.77 -21.69 30.77
CA GLN B 37 19.90 -22.42 32.03
C GLN B 37 19.01 -21.83 33.13
N ILE B 38 18.72 -20.53 33.07
CA ILE B 38 17.89 -19.79 34.02
C ILE B 38 16.40 -19.85 33.69
N THR B 39 16.03 -20.12 32.43
CA THR B 39 14.64 -20.16 31.98
C THR B 39 14.14 -21.57 31.67
N ASN B 40 15.00 -22.61 31.63
CA ASN B 40 14.58 -24.00 31.45
C ASN B 40 13.54 -24.46 32.49
N ASN B 41 13.65 -23.98 33.73
CA ASN B 41 12.74 -24.29 34.84
C ASN B 41 11.38 -23.54 34.78
N ILE B 42 11.24 -22.53 33.92
CA ILE B 42 10.01 -21.75 33.73
C ILE B 42 9.08 -22.43 32.73
N ASP B 43 7.77 -22.24 32.91
CA ASP B 43 6.76 -22.80 32.02
C ASP B 43 6.86 -22.18 30.61
N PRO B 44 6.70 -22.98 29.53
CA PRO B 44 6.66 -22.43 28.18
C PRO B 44 5.45 -21.53 27.98
N VAL B 45 5.52 -20.65 26.98
CA VAL B 45 4.42 -19.78 26.56
C VAL B 45 3.18 -20.56 26.09
N GLY B 46 3.37 -21.81 25.61
CA GLY B 46 2.38 -22.51 24.81
C GLY B 46 2.36 -21.99 23.38
N ARG B 47 1.40 -22.41 22.57
CA ARG B 47 1.25 -21.90 21.21
C ARG B 47 0.58 -20.52 21.23
N ILE B 48 1.21 -19.53 20.62
CA ILE B 48 0.62 -18.22 20.35
C ILE B 48 -0.12 -18.30 19.02
N GLN B 49 -1.45 -18.18 19.08
CA GLN B 49 -2.36 -18.38 17.95
C GLN B 49 -3.09 -17.07 17.65
N MET B 50 -2.36 -16.04 17.23
CA MET B 50 -2.97 -14.76 16.88
C MET B 50 -3.76 -14.85 15.58
N ARG B 51 -4.88 -14.13 15.50
CA ARG B 51 -5.72 -14.02 14.31
C ARG B 51 -5.58 -12.63 13.74
N THR B 52 -5.55 -12.48 12.42
CA THR B 52 -5.66 -11.17 11.78
C THR B 52 -7.03 -10.58 12.07
N ARG B 53 -7.09 -9.57 12.94
CA ARG B 53 -8.30 -8.84 13.31
C ARG B 53 -8.63 -7.69 12.39
N ARG B 54 -7.64 -7.13 11.70
CA ARG B 54 -7.80 -6.05 10.71
C ARG B 54 -6.86 -6.30 9.56
N THR B 55 -7.28 -5.96 8.35
CA THR B 55 -6.42 -5.77 7.20
C THR B 55 -6.66 -4.36 6.70
N LEU B 56 -5.60 -3.69 6.32
CA LEU B 56 -5.52 -2.24 6.36
C LEU B 56 -4.92 -1.93 4.98
N ARG B 57 -5.81 -1.68 4.00
CA ARG B 57 -5.57 -1.96 2.56
C ARG B 57 -5.03 -0.89 1.62
N GLY B 58 -5.28 0.39 1.86
CA GLY B 58 -5.12 1.47 0.88
C GLY B 58 -3.74 1.79 0.30
N HIS B 59 -2.63 1.26 0.82
CA HIS B 59 -1.32 1.43 0.17
C HIS B 59 -1.22 0.63 -1.13
N LEU B 60 -0.52 1.17 -2.13
CA LEU B 60 -0.48 0.63 -3.48
C LEU B 60 0.92 0.19 -3.92
N ALA B 61 1.93 0.44 -3.11
CA ALA B 61 3.24 -0.18 -3.18
C ALA B 61 3.59 -0.87 -1.88
N LYS B 62 4.82 -1.38 -1.79
CA LYS B 62 5.42 -1.97 -0.60
C LYS B 62 5.29 -1.06 0.62
N ILE B 63 4.79 -1.54 1.76
CA ILE B 63 4.94 -0.87 3.05
C ILE B 63 6.39 -1.00 3.46
N TYR B 64 7.08 0.08 3.77
CA TYR B 64 8.46 0.00 4.28
C TYR B 64 8.52 0.10 5.78
N ALA B 65 7.66 0.92 6.35
CA ALA B 65 7.64 1.19 7.77
C ALA B 65 6.23 1.42 8.27
N MET B 66 6.06 1.20 9.55
CA MET B 66 4.93 1.68 10.33
C MET B 66 5.39 2.05 11.72
N HIS B 67 4.64 2.91 12.38
CA HIS B 67 4.80 3.13 13.80
C HIS B 67 3.45 3.35 14.44
N TRP B 68 3.20 2.72 15.59
CA TRP B 68 2.04 3.04 16.40
C TRP B 68 2.15 4.41 17.06
N GLY B 69 1.01 5.08 17.21
CA GLY B 69 0.81 6.10 18.21
C GLY B 69 0.85 5.51 19.62
N THR B 70 1.16 6.33 20.62
CA THR B 70 1.19 5.88 22.02
C THR B 70 -0.20 5.58 22.57
N ASP B 71 -1.25 6.08 21.91
CA ASP B 71 -2.65 5.74 22.18
C ASP B 71 -3.05 4.30 21.81
N SER B 72 -2.17 3.51 21.19
CA SER B 72 -2.44 2.14 20.74
C SER B 72 -3.59 2.00 19.75
N ARG B 73 -3.98 3.07 19.08
CA ARG B 73 -5.11 3.09 18.16
C ARG B 73 -4.71 3.65 16.83
N LEU B 74 -4.03 4.78 16.78
CA LEU B 74 -3.50 5.28 15.53
C LEU B 74 -2.19 4.60 15.19
N LEU B 75 -1.93 4.34 13.92
CA LEU B 75 -0.61 3.98 13.44
C LEU B 75 -0.35 4.70 12.15
N VAL B 76 0.86 5.20 11.99
CA VAL B 76 1.35 5.69 10.71
C VAL B 76 1.97 4.53 9.96
N SER B 77 1.92 4.57 8.65
CA SER B 77 2.69 3.68 7.81
C SER B 77 3.08 4.36 6.53
N ALA B 78 4.21 3.94 5.99
CA ALA B 78 4.84 4.55 4.85
C ALA B 78 5.03 3.50 3.77
N SER B 79 4.74 3.85 2.53
CA SER B 79 4.97 2.99 1.37
C SER B 79 5.71 3.73 0.26
N GLN B 80 6.34 2.94 -0.61
CA GLN B 80 7.03 3.43 -1.79
C GLN B 80 6.11 4.08 -2.83
N ASP B 81 4.78 4.10 -2.64
CA ASP B 81 3.89 4.88 -3.49
C ASP B 81 3.84 6.36 -3.10
N GLY B 82 4.67 6.78 -2.14
CA GLY B 82 4.84 8.16 -1.72
C GLY B 82 3.73 8.64 -0.83
N LYS B 83 3.14 7.72 -0.05
CA LYS B 83 2.11 8.03 0.92
C LYS B 83 2.52 7.58 2.29
N LEU B 84 2.29 8.47 3.21
CA LEU B 84 2.34 8.20 4.63
C LEU B 84 0.89 8.23 5.09
N ILE B 85 0.34 7.08 5.47
CA ILE B 85 -1.07 6.93 5.84
C ILE B 85 -1.15 6.78 7.33
N ILE B 86 -2.01 7.56 7.97
CA ILE B 86 -2.37 7.35 9.37
C ILE B 86 -3.70 6.63 9.39
N TRP B 87 -3.72 5.53 10.11
CA TRP B 87 -4.79 4.61 10.25
C TRP B 87 -5.34 4.65 11.66
N ASP B 88 -6.64 4.80 11.81
CA ASP B 88 -7.35 4.31 12.96
C ASP B 88 -7.44 2.79 12.85
N SER B 89 -6.67 2.09 13.66
CA SER B 89 -6.64 0.64 13.64
C SER B 89 -7.93 0.00 14.13
N TYR B 90 -8.75 0.68 14.94
CA TYR B 90 -9.96 0.05 15.48
C TYR B 90 -11.03 -0.01 14.40
N THR B 91 -11.23 1.08 13.69
CA THR B 91 -12.26 1.20 12.65
C THR B 91 -11.75 0.92 11.24
N THR B 92 -10.44 0.72 11.05
CA THR B 92 -9.76 0.66 9.75
C THR B 92 -9.78 2.00 9.00
N ASN B 93 -10.27 3.09 9.60
CA ASN B 93 -10.35 4.36 8.90
C ASN B 93 -8.97 4.93 8.63
N LYS B 94 -8.79 5.51 7.46
CA LYS B 94 -7.66 6.39 7.19
C LYS B 94 -8.00 7.75 7.77
N VAL B 95 -7.24 8.14 8.77
CA VAL B 95 -7.32 9.44 9.43
C VAL B 95 -6.70 10.50 8.52
N HIS B 96 -5.55 10.21 7.92
CA HIS B 96 -4.82 11.07 6.99
C HIS B 96 -4.14 10.22 5.94
N ALA B 97 -4.03 10.72 4.73
CA ALA B 97 -3.02 10.27 3.79
C ALA B 97 -2.18 11.48 3.38
N ILE B 98 -0.90 11.39 3.63
CA ILE B 98 0.05 12.49 3.52
C ILE B 98 0.88 12.21 2.26
N PRO B 99 0.84 13.06 1.22
CA PRO B 99 1.70 12.94 0.07
C PRO B 99 3.14 13.34 0.41
N LEU B 100 4.06 12.40 0.25
CA LEU B 100 5.49 12.61 0.46
C LEU B 100 6.12 13.32 -0.75
N ARG B 101 7.09 14.22 -0.51
CA ARG B 101 7.80 14.94 -1.57
C ARG B 101 8.76 14.03 -2.33
N SER B 102 9.37 13.07 -1.65
CA SER B 102 10.10 11.94 -2.22
C SER B 102 9.36 10.65 -1.92
N SER B 103 9.05 9.84 -2.92
CA SER B 103 8.37 8.56 -2.70
C SER B 103 9.24 7.52 -2.01
N TRP B 104 10.54 7.74 -1.91
CA TRP B 104 11.55 6.76 -1.54
C TRP B 104 11.73 6.55 -0.04
N VAL B 105 10.61 6.50 0.68
CA VAL B 105 10.53 6.44 2.13
C VAL B 105 10.93 5.06 2.65
N MET B 106 11.81 4.99 3.63
CA MET B 106 12.28 3.75 4.23
C MET B 106 11.89 3.61 5.69
N THR B 107 11.51 4.71 6.33
CA THR B 107 11.16 4.76 7.73
C THR B 107 10.04 5.75 7.96
N CYS B 108 9.27 5.55 9.02
CA CYS B 108 8.43 6.57 9.61
C CYS B 108 8.35 6.38 11.11
N ALA B 109 8.02 7.46 11.79
CA ALA B 109 7.84 7.52 13.22
C ALA B 109 6.63 8.36 13.52
N TYR B 110 6.00 8.11 14.64
CA TYR B 110 4.91 8.90 15.15
C TYR B 110 5.26 9.39 16.55
N ALA B 111 5.17 10.71 16.75
CA ALA B 111 5.63 11.35 17.96
C ALA B 111 4.88 10.80 19.18
N PRO B 112 5.49 10.71 20.37
CA PRO B 112 4.81 10.25 21.57
C PRO B 112 3.52 10.99 21.92
N SER B 113 3.40 12.25 21.50
CA SER B 113 2.21 13.09 21.61
C SER B 113 1.09 12.79 20.60
N GLY B 114 1.41 12.17 19.48
CA GLY B 114 0.56 12.07 18.30
C GLY B 114 0.47 13.35 17.47
N ASN B 115 1.22 14.40 17.77
CA ASN B 115 1.14 15.68 17.05
C ASN B 115 1.87 15.68 15.71
N TYR B 116 2.87 14.81 15.58
CA TYR B 116 3.78 14.79 14.43
C TYR B 116 3.99 13.38 13.95
N VAL B 117 4.21 13.23 12.66
CA VAL B 117 4.87 12.05 12.09
C VAL B 117 6.15 12.50 11.42
N ALA B 118 7.14 11.65 11.40
CA ALA B 118 8.38 11.84 10.68
C ALA B 118 8.51 10.75 9.66
N CYS B 119 9.12 11.02 8.53
CA CYS B 119 9.57 9.95 7.65
C CYS B 119 10.74 10.40 6.78
N GLY B 120 11.44 9.44 6.21
CA GLY B 120 12.47 9.71 5.23
C GLY B 120 13.00 8.45 4.60
N GLY B 121 13.87 8.60 3.63
CA GLY B 121 14.56 7.47 3.05
C GLY B 121 15.66 7.93 2.12
N LEU B 122 15.59 7.54 0.86
CA LEU B 122 16.66 7.74 -0.11
C LEU B 122 16.87 9.20 -0.51
N ASP B 123 16.01 10.11 -0.06
CA ASP B 123 16.17 11.55 -0.16
C ASP B 123 17.20 12.12 0.84
N ASN B 124 17.67 11.32 1.80
CA ASN B 124 18.60 11.72 2.86
C ASN B 124 18.04 12.78 3.81
N ILE B 125 16.73 13.00 3.82
CA ILE B 125 16.03 14.00 4.61
C ILE B 125 15.06 13.30 5.54
N CYS B 126 14.94 13.74 6.78
CA CYS B 126 13.82 13.36 7.64
C CYS B 126 12.79 14.49 7.65
N SER B 127 11.68 14.34 6.94
CA SER B 127 10.59 15.30 6.92
C SER B 127 9.73 15.12 8.14
N ILE B 128 9.37 16.20 8.82
CA ILE B 128 8.51 16.23 10.00
C ILE B 128 7.18 16.84 9.57
N TYR B 129 6.09 16.11 9.74
CA TYR B 129 4.76 16.50 9.34
C TYR B 129 3.94 16.87 10.57
N ASN B 130 3.41 18.08 10.60
CA ASN B 130 2.49 18.51 11.65
C ASN B 130 1.09 17.99 11.32
N LEU B 131 0.57 17.11 12.15
CA LEU B 131 -0.77 16.56 11.98
C LEU B 131 -1.85 17.51 12.45
N LYS B 132 -1.56 18.32 13.47
CA LYS B 132 -2.55 19.05 14.26
C LYS B 132 -2.48 20.54 13.98
N THR B 133 -2.51 20.88 12.70
CA THR B 133 -2.62 22.26 12.21
C THR B 133 -4.05 22.78 12.42
N ARG B 134 -4.23 24.10 12.56
CA ARG B 134 -5.55 24.75 12.42
C ARG B 134 -6.06 24.81 10.98
N GLU B 135 -5.20 24.60 10.01
CA GLU B 135 -5.53 24.54 8.58
C GLU B 135 -6.18 23.21 8.16
N GLY B 136 -6.07 22.15 8.97
CA GLY B 136 -6.75 20.87 8.80
C GLY B 136 -6.17 19.93 7.76
N ASN B 137 -5.28 20.41 6.90
CA ASN B 137 -4.32 19.59 6.17
C ASN B 137 -3.13 19.22 7.07
N VAL B 138 -2.45 18.13 6.72
CA VAL B 138 -1.11 17.86 7.24
C VAL B 138 -0.08 18.63 6.43
N ARG B 139 0.82 19.37 7.09
CA ARG B 139 1.89 20.14 6.45
C ARG B 139 3.25 19.60 6.81
N VAL B 140 4.23 19.68 5.89
CA VAL B 140 5.64 19.59 6.26
C VAL B 140 5.97 20.78 7.15
N SER B 141 6.33 20.51 8.39
CA SER B 141 6.73 21.54 9.35
C SER B 141 8.23 21.84 9.29
N ARG B 142 9.06 20.81 9.10
CA ARG B 142 10.52 20.89 8.97
C ARG B 142 11.05 19.79 8.07
N GLU B 143 12.13 20.05 7.35
CA GLU B 143 12.91 19.04 6.66
C GLU B 143 14.30 18.96 7.28
N LEU B 144 14.62 17.84 7.91
CA LEU B 144 15.90 17.62 8.57
C LEU B 144 16.93 17.12 7.56
N ALA B 145 17.45 18.03 6.75
CA ALA B 145 18.59 17.81 5.87
C ALA B 145 19.90 17.89 6.66
N GLY B 146 20.83 16.99 6.38
CA GLY B 146 22.17 16.96 7.00
C GLY B 146 22.82 15.59 7.01
N HIS B 147 22.05 14.51 7.00
CA HIS B 147 22.54 13.18 6.64
C HIS B 147 22.96 13.12 5.18
N THR B 148 23.95 12.32 4.86
CA THR B 148 24.55 12.21 3.52
C THR B 148 24.29 10.87 2.85
N GLY B 149 23.61 9.96 3.55
CA GLY B 149 23.05 8.73 3.04
C GLY B 149 21.59 8.60 3.46
N TYR B 150 20.91 7.58 2.98
CA TYR B 150 19.47 7.43 3.18
C TYR B 150 19.08 7.44 4.65
N LEU B 151 17.92 7.98 4.99
CA LEU B 151 17.32 7.84 6.32
C LEU B 151 16.81 6.42 6.49
N SER B 152 17.41 5.66 7.38
CA SER B 152 17.01 4.28 7.60
C SER B 152 16.06 4.11 8.77
N CYS B 153 16.13 4.99 9.77
CA CYS B 153 15.23 4.99 10.91
C CYS B 153 15.06 6.39 11.48
N CYS B 154 13.91 6.66 12.07
CA CYS B 154 13.54 7.86 12.81
C CYS B 154 12.89 7.41 14.10
N ARG B 155 13.14 8.05 15.24
CA ARG B 155 12.30 7.92 16.43
C ARG B 155 12.27 9.25 17.16
N PHE B 156 11.09 9.78 17.43
CA PHE B 156 10.94 10.96 18.27
C PHE B 156 11.21 10.62 19.73
N LEU B 157 11.88 11.52 20.43
CA LEU B 157 11.93 11.58 21.88
C LEU B 157 10.76 12.40 22.42
N ASP B 158 10.45 13.51 21.74
CA ASP B 158 9.36 14.42 22.04
C ASP B 158 9.07 15.27 20.79
N ASP B 159 8.13 16.21 20.86
CA ASP B 159 7.74 17.03 19.71
C ASP B 159 8.87 17.84 19.08
N ASN B 160 9.97 18.07 19.80
CA ASN B 160 11.09 18.87 19.34
C ASN B 160 12.38 18.06 19.18
N GLN B 161 12.51 16.89 19.78
CA GLN B 161 13.69 16.03 19.60
C GLN B 161 13.38 14.74 18.85
N ILE B 162 14.13 14.47 17.79
CA ILE B 162 14.08 13.22 17.03
C ILE B 162 15.47 12.66 16.82
N VAL B 163 15.67 11.37 17.02
CA VAL B 163 16.90 10.68 16.67
C VAL B 163 16.68 9.99 15.34
N THR B 164 17.59 10.17 14.40
CA THR B 164 17.50 9.57 13.08
C THR B 164 18.79 8.87 12.72
N SER B 165 18.68 7.80 11.97
CA SER B 165 19.73 6.85 11.61
C SER B 165 19.90 6.86 10.11
N SER B 166 21.10 6.57 9.61
CA SER B 166 21.37 6.73 8.19
C SER B 166 22.35 5.74 7.57
N GLY B 167 22.16 5.57 6.26
CA GLY B 167 23.14 5.06 5.31
C GLY B 167 24.49 5.77 5.33
N ASP B 168 24.61 7.00 5.81
CA ASP B 168 25.92 7.63 6.03
C ASP B 168 26.69 7.07 7.23
N THR B 169 26.22 5.99 7.83
CA THR B 169 26.79 5.32 9.01
C THR B 169 26.64 6.08 10.33
N THR B 170 25.94 7.20 10.36
CA THR B 170 25.75 8.00 11.58
C THR B 170 24.31 7.99 12.04
N CYS B 171 24.10 8.03 13.35
CA CYS B 171 22.85 8.56 13.91
C CYS B 171 23.01 10.06 14.13
N ALA B 172 21.93 10.80 14.24
CA ALA B 172 21.94 12.19 14.65
C ALA B 172 20.71 12.46 15.50
N LEU B 173 20.86 13.26 16.54
CA LEU B 173 19.77 13.83 17.30
C LEU B 173 19.54 15.23 16.75
N TRP B 174 18.29 15.59 16.58
CA TRP B 174 17.90 16.85 16.00
C TRP B 174 17.12 17.68 16.99
N ASP B 175 17.33 18.98 16.94
CA ASP B 175 16.37 19.96 17.41
C ASP B 175 15.50 20.32 16.22
N ILE B 176 14.23 19.94 16.26
CA ILE B 176 13.32 20.12 15.14
C ILE B 176 13.08 21.61 14.90
N GLU B 177 12.84 22.43 15.93
CA GLU B 177 12.52 23.85 15.72
C GLU B 177 13.66 24.62 15.04
N THR B 178 14.92 24.34 15.34
CA THR B 178 16.09 24.91 14.64
C THR B 178 16.38 24.21 13.30
N GLY B 179 15.87 22.98 13.11
CA GLY B 179 16.13 22.14 11.93
C GLY B 179 17.52 21.54 11.93
N GLN B 180 18.10 21.30 13.10
CA GLN B 180 19.55 21.22 13.30
C GLN B 180 19.96 19.95 14.03
N GLN B 181 20.94 19.21 13.50
CA GLN B 181 21.48 18.06 14.22
C GLN B 181 22.36 18.55 15.38
N THR B 182 21.83 18.50 16.59
CA THR B 182 22.48 18.96 17.82
C THR B 182 23.50 17.96 18.33
N THR B 183 23.36 16.67 17.99
CA THR B 183 24.35 15.63 18.23
C THR B 183 24.49 14.77 17.00
N THR B 184 25.70 14.34 16.67
CA THR B 184 25.94 13.27 15.70
C THR B 184 26.61 12.11 16.43
N PHE B 185 26.23 10.89 16.11
CA PHE B 185 26.74 9.67 16.69
C PHE B 185 27.43 8.89 15.57
N THR B 186 28.74 8.67 15.65
CA THR B 186 29.57 8.38 14.46
C THR B 186 30.25 7.02 14.45
N GLY B 187 30.31 6.32 15.58
CA GLY B 187 31.14 5.12 15.75
C GLY B 187 30.83 3.89 14.89
N HIS B 188 29.64 3.76 14.28
CA HIS B 188 29.35 2.66 13.35
C HIS B 188 30.16 2.78 12.08
N THR B 189 30.75 1.67 11.61
CA THR B 189 31.54 1.67 10.36
C THR B 189 30.68 1.27 9.16
N GLY B 190 29.59 0.55 9.39
CA GLY B 190 28.57 0.24 8.39
C GLY B 190 27.36 1.16 8.48
N ASP B 191 26.54 1.15 7.44
CA ASP B 191 25.29 1.91 7.38
C ASP B 191 24.39 1.59 8.56
N VAL B 192 23.90 2.59 9.26
CA VAL B 192 23.04 2.29 10.41
C VAL B 192 21.66 2.03 9.84
N MET B 193 21.03 0.93 10.22
CA MET B 193 19.76 0.50 9.64
C MET B 193 18.56 0.75 10.52
N SER B 194 18.75 0.79 11.82
CA SER B 194 17.67 0.76 12.77
C SER B 194 18.03 1.47 14.06
N LEU B 195 17.03 1.99 14.75
CA LEU B 195 17.09 2.62 16.07
C LEU B 195 16.08 1.94 16.98
N SER B 196 16.34 1.97 18.28
CA SER B 196 15.30 1.87 19.27
C SER B 196 15.66 2.80 20.41
N LEU B 197 14.81 3.76 20.73
CA LEU B 197 14.92 4.53 21.97
C LEU B 197 14.66 3.62 23.15
N ALA B 198 15.40 3.81 24.24
CA ALA B 198 15.05 3.20 25.51
C ALA B 198 13.72 3.78 26.03
N PRO B 199 12.97 3.07 26.89
CA PRO B 199 11.72 3.56 27.47
C PRO B 199 11.82 4.94 28.15
N ASP B 200 12.97 5.27 28.76
CA ASP B 200 13.24 6.58 29.36
C ASP B 200 13.71 7.66 28.36
N THR B 201 14.05 7.29 27.12
CA THR B 201 14.66 8.12 26.08
C THR B 201 15.99 8.79 26.46
N ARG B 202 16.68 8.32 27.51
CA ARG B 202 18.05 8.73 27.86
C ARG B 202 19.09 8.00 27.02
N LEU B 203 18.76 6.79 26.60
CA LEU B 203 19.58 5.91 25.77
C LEU B 203 18.86 5.60 24.46
N PHE B 204 19.61 5.25 23.43
CA PHE B 204 19.09 4.48 22.31
C PHE B 204 20.09 3.44 21.85
N VAL B 205 19.63 2.40 21.18
CA VAL B 205 20.49 1.46 20.48
C VAL B 205 20.29 1.64 19.00
N SER B 206 21.35 1.46 18.24
CA SER B 206 21.26 1.42 16.80
C SER B 206 22.03 0.25 16.26
N GLY B 207 21.45 -0.44 15.28
CA GLY B 207 22.04 -1.60 14.61
C GLY B 207 22.45 -1.23 13.20
N ALA B 208 23.59 -1.75 12.75
CA ALA B 208 24.19 -1.34 11.50
C ALA B 208 24.71 -2.49 10.63
N CYS B 209 25.11 -2.14 9.42
CA CYS B 209 25.63 -3.05 8.42
C CYS B 209 27.03 -3.63 8.69
N ASP B 210 27.76 -3.11 9.68
CA ASP B 210 28.96 -3.74 10.21
C ASP B 210 28.63 -4.89 11.20
N ALA B 211 27.39 -5.39 11.16
CA ALA B 211 26.84 -6.42 12.05
C ALA B 211 26.90 -6.05 13.54
N SER B 212 26.93 -4.76 13.85
CA SER B 212 27.14 -4.25 15.20
C SER B 212 25.91 -3.50 15.71
N ALA B 213 25.63 -3.60 17.00
CA ALA B 213 24.69 -2.75 17.69
C ALA B 213 25.43 -1.87 18.69
N LYS B 214 25.15 -0.58 18.71
CA LYS B 214 25.76 0.38 19.64
C LYS B 214 24.71 0.99 20.54
N LEU B 215 24.96 1.01 21.84
CA LEU B 215 24.24 1.80 22.81
C LEU B 215 24.81 3.22 22.85
N TRP B 216 23.96 4.22 22.81
CA TRP B 216 24.31 5.63 22.85
C TRP B 216 23.64 6.32 24.02
N ASP B 217 24.37 7.21 24.68
CA ASP B 217 23.78 8.20 25.56
C ASP B 217 23.31 9.40 24.73
N VAL B 218 22.00 9.68 24.72
CA VAL B 218 21.44 10.79 23.93
C VAL B 218 22.00 12.14 24.37
N ARG B 219 22.13 12.35 25.69
CA ARG B 219 22.50 13.65 26.27
C ARG B 219 23.99 13.90 26.13
N GLU B 220 24.81 12.89 26.44
CA GLU B 220 26.27 13.00 26.36
C GLU B 220 26.83 12.79 24.95
N GLY B 221 26.08 12.18 24.03
CA GLY B 221 26.41 12.07 22.62
C GLY B 221 27.44 10.99 22.26
N MET B 222 27.57 9.96 23.09
CA MET B 222 28.66 9.00 23.05
C MET B 222 28.16 7.55 22.97
N CYS B 223 28.92 6.70 22.28
CA CYS B 223 28.70 5.26 22.33
C CYS B 223 29.16 4.72 23.69
N ARG B 224 28.22 4.25 24.52
CA ARG B 224 28.51 3.60 25.80
C ARG B 224 29.02 2.18 25.61
N GLN B 225 28.39 1.40 24.74
CA GLN B 225 28.66 -0.04 24.58
C GLN B 225 28.46 -0.46 23.13
N THR B 226 29.23 -1.46 22.69
CA THR B 226 29.13 -2.09 21.39
C THR B 226 28.85 -3.59 21.56
N PHE B 227 27.98 -4.13 20.73
CA PHE B 227 27.50 -5.50 20.76
C PHE B 227 27.62 -6.12 19.37
N THR B 228 28.18 -7.32 19.26
CA THR B 228 28.81 -7.74 17.99
C THR B 228 28.61 -9.20 17.61
N GLY B 229 27.68 -9.91 18.26
CA GLY B 229 27.47 -11.34 18.04
C GLY B 229 26.89 -11.75 16.68
N HIS B 230 26.28 -10.83 15.92
CA HIS B 230 25.70 -11.12 14.60
C HIS B 230 26.76 -11.44 13.55
N GLU B 231 26.49 -12.46 12.73
CA GLU B 231 27.37 -12.83 11.61
C GLU B 231 27.11 -11.98 10.35
N SER B 232 26.09 -11.13 10.37
CA SER B 232 25.61 -10.40 9.20
C SER B 232 24.83 -9.16 9.62
N ASP B 233 24.56 -8.27 8.69
CA ASP B 233 24.04 -6.93 8.94
C ASP B 233 22.69 -6.84 9.66
N ILE B 234 22.63 -6.02 10.71
CA ILE B 234 21.46 -5.83 11.58
C ILE B 234 20.44 -4.92 10.91
N ASN B 235 19.28 -5.43 10.56
CA ASN B 235 18.20 -4.67 9.93
C ASN B 235 17.23 -4.07 10.94
N ALA B 236 17.11 -4.70 12.09
CA ALA B 236 16.05 -4.50 13.06
C ALA B 236 16.61 -4.42 14.47
N ILE B 237 16.10 -3.52 15.29
CA ILE B 237 16.48 -3.43 16.70
C ILE B 237 15.29 -2.98 17.53
N CYS B 238 15.16 -3.49 18.76
CA CYS B 238 14.09 -3.14 19.68
C CYS B 238 14.57 -3.28 21.12
N PHE B 239 14.39 -2.29 21.98
CA PHE B 239 14.46 -2.50 23.43
C PHE B 239 13.41 -3.47 23.97
N PHE B 240 13.86 -4.35 24.87
CA PHE B 240 13.02 -5.10 25.77
C PHE B 240 12.33 -4.10 26.72
N PRO B 241 11.07 -4.28 27.15
CA PRO B 241 10.29 -3.17 27.70
C PRO B 241 10.80 -2.55 29.01
N ASN B 242 11.63 -3.27 29.76
CA ASN B 242 12.35 -2.78 30.95
C ASN B 242 13.48 -1.78 30.62
N GLY B 243 13.97 -1.75 29.37
CA GLY B 243 15.09 -0.91 28.93
C GLY B 243 16.48 -1.44 29.25
N ASN B 244 16.59 -2.58 29.94
CA ASN B 244 17.88 -3.17 30.33
C ASN B 244 18.48 -4.12 29.30
N ALA B 245 17.72 -4.50 28.28
CA ALA B 245 18.16 -5.38 27.21
C ALA B 245 17.51 -4.96 25.89
N PHE B 246 18.02 -5.42 24.76
CA PHE B 246 17.41 -5.18 23.47
C PHE B 246 17.59 -6.40 22.58
N ALA B 247 16.67 -6.62 21.66
CA ALA B 247 16.80 -7.61 20.61
C ALA B 247 17.16 -6.94 19.30
N THR B 248 17.88 -7.67 18.47
CA THR B 248 18.32 -7.29 17.13
C THR B 248 17.94 -8.40 16.19
N GLY B 249 17.59 -8.07 14.96
CA GLY B 249 17.40 -9.03 13.88
C GLY B 249 18.23 -8.65 12.68
N SER B 250 18.81 -9.62 12.02
CA SER B 250 19.75 -9.39 10.94
C SER B 250 19.51 -10.29 9.74
N ASP B 251 20.26 -10.01 8.67
CA ASP B 251 20.39 -10.89 7.53
C ASP B 251 21.01 -12.26 7.86
N ASP B 252 21.55 -12.45 9.07
CA ASP B 252 22.00 -13.74 9.63
C ASP B 252 20.87 -14.77 9.78
N ALA B 253 19.61 -14.36 9.60
CA ALA B 253 18.42 -15.14 9.93
C ALA B 253 18.31 -15.52 11.42
N THR B 254 18.98 -14.77 12.29
CA THR B 254 18.87 -14.88 13.74
C THR B 254 18.36 -13.56 14.30
N CYS B 255 17.56 -13.61 15.36
CA CYS B 255 17.54 -12.51 16.31
C CYS B 255 18.52 -12.81 17.41
N ARG B 256 19.00 -11.79 18.10
CA ARG B 256 19.84 -11.92 19.30
C ARG B 256 19.36 -10.95 20.35
N LEU B 257 19.33 -11.36 21.60
CA LEU B 257 19.01 -10.53 22.77
C LEU B 257 20.29 -10.15 23.48
N PHE B 258 20.52 -8.87 23.71
CA PHE B 258 21.71 -8.31 24.36
C PHE B 258 21.35 -7.60 25.66
N ASP B 259 22.06 -7.86 26.74
CA ASP B 259 22.02 -7.03 27.94
C ASP B 259 22.80 -5.73 27.80
N LEU B 260 22.21 -4.63 28.27
CA LEU B 260 23.02 -3.48 28.67
C LEU B 260 23.89 -3.84 29.88
N ARG B 261 23.27 -4.30 30.98
CA ARG B 261 23.92 -4.42 32.29
C ARG B 261 25.07 -5.43 32.34
N ALA B 262 24.93 -6.56 31.65
CA ALA B 262 25.99 -7.56 31.51
C ALA B 262 26.82 -7.39 30.23
N ASP B 263 26.50 -6.41 29.38
CA ASP B 263 27.26 -6.03 28.19
C ASP B 263 27.49 -7.16 27.18
N GLN B 264 26.54 -8.09 26.98
CA GLN B 264 26.73 -9.21 26.06
C GLN B 264 25.42 -9.85 25.59
N GLU B 265 25.51 -10.72 24.59
CA GLU B 265 24.41 -11.56 24.13
C GLU B 265 23.97 -12.55 25.22
N LEU B 266 22.67 -12.57 25.50
CA LEU B 266 22.00 -13.53 26.36
C LEU B 266 21.59 -14.79 25.59
N MET B 267 21.00 -14.60 24.42
CA MET B 267 20.29 -15.65 23.69
C MET B 267 20.13 -15.32 22.21
N THR B 268 19.93 -16.34 21.37
CA THR B 268 19.67 -16.21 19.94
C THR B 268 18.38 -16.91 19.56
N TYR B 269 17.69 -16.38 18.55
CA TYR B 269 16.38 -16.84 18.11
C TYR B 269 16.48 -17.19 16.64
N SER B 270 16.70 -18.47 16.38
CA SER B 270 16.75 -19.04 15.04
C SER B 270 16.31 -20.50 15.06
N HIS B 271 15.78 -20.94 13.94
CA HIS B 271 15.44 -22.33 13.67
C HIS B 271 16.18 -22.76 12.40
N ASP B 272 16.56 -24.02 12.26
CA ASP B 272 17.31 -24.49 11.10
C ASP B 272 16.55 -24.27 9.77
N ASN B 273 15.22 -24.31 9.77
CA ASN B 273 14.41 -24.02 8.59
C ASN B 273 14.14 -22.53 8.33
N ILE B 274 14.77 -21.62 9.09
CA ILE B 274 14.72 -20.17 8.88
C ILE B 274 16.07 -19.74 8.30
N ILE B 275 16.06 -19.17 7.09
CA ILE B 275 17.25 -19.00 6.23
C ILE B 275 17.33 -17.61 5.60
N CYS B 276 16.51 -16.68 6.07
CA CYS B 276 16.16 -15.40 5.47
C CYS B 276 16.37 -14.24 6.43
N GLY B 277 16.60 -13.05 5.90
CA GLY B 277 16.81 -11.87 6.72
C GLY B 277 15.59 -11.49 7.57
N ILE B 278 15.85 -11.15 8.82
CA ILE B 278 14.87 -10.59 9.73
C ILE B 278 14.79 -9.09 9.48
N THR B 279 13.63 -8.61 9.10
CA THR B 279 13.43 -7.24 8.65
C THR B 279 13.09 -6.28 9.78
N SER B 280 12.45 -6.80 10.81
CA SER B 280 11.74 -6.06 11.85
C SER B 280 11.64 -6.91 13.09
N VAL B 281 11.62 -6.27 14.25
CA VAL B 281 11.67 -6.88 15.58
C VAL B 281 10.81 -6.04 16.52
N SER B 282 10.07 -6.67 17.41
CA SER B 282 9.32 -5.99 18.48
C SER B 282 9.14 -6.91 19.66
N PHE B 283 9.00 -6.41 20.87
CA PHE B 283 8.58 -7.20 22.02
C PHE B 283 7.10 -7.02 22.31
N SER B 284 6.46 -8.01 22.93
CA SER B 284 5.20 -7.84 23.63
C SER B 284 5.35 -6.98 24.89
N LYS B 285 4.24 -6.57 25.53
CA LYS B 285 4.29 -5.64 26.66
C LYS B 285 5.08 -6.17 27.87
N SER B 286 4.98 -7.46 28.20
CA SER B 286 5.78 -8.06 29.27
C SER B 286 7.21 -8.37 28.86
N GLY B 287 7.55 -8.19 27.58
CA GLY B 287 8.81 -8.65 27.01
C GLY B 287 8.90 -10.15 26.79
N ARG B 288 7.91 -10.95 27.21
CA ARG B 288 7.99 -12.41 27.12
C ARG B 288 7.96 -12.91 25.69
N LEU B 289 7.29 -12.22 24.78
CA LEU B 289 7.29 -12.57 23.38
C LEU B 289 8.19 -11.62 22.62
N LEU B 290 9.07 -12.17 21.80
CA LEU B 290 9.84 -11.44 20.82
C LEU B 290 9.23 -11.77 19.46
N LEU B 291 8.70 -10.78 18.78
CA LEU B 291 8.10 -10.92 17.47
C LEU B 291 9.11 -10.44 16.45
N ALA B 292 9.36 -11.21 15.42
CA ALA B 292 10.30 -10.88 14.36
C ALA B 292 9.61 -11.05 13.01
N GLY B 293 9.76 -10.08 12.11
CA GLY B 293 9.24 -10.13 10.75
C GLY B 293 10.33 -10.55 9.77
N TYR B 294 10.00 -11.30 8.73
CA TYR B 294 10.96 -11.94 7.85
C TYR B 294 10.59 -11.79 6.37
N ASP B 295 11.58 -11.94 5.49
CA ASP B 295 11.30 -12.44 4.13
C ASP B 295 11.10 -13.96 4.23
N ASP B 296 10.42 -14.62 3.31
CA ASP B 296 9.63 -15.88 3.45
C ASP B 296 8.21 -15.60 3.95
N PHE B 297 7.99 -14.31 4.18
CA PHE B 297 6.76 -13.55 4.14
C PHE B 297 5.96 -13.62 5.44
N ASN B 298 6.53 -14.11 6.54
CA ASN B 298 5.80 -14.26 7.79
C ASN B 298 6.51 -13.59 8.98
N CYS B 299 5.79 -13.47 10.07
CA CYS B 299 6.30 -13.05 11.36
C CYS B 299 6.34 -14.26 12.29
N ASN B 300 7.46 -14.50 12.95
CA ASN B 300 7.60 -15.56 13.94
C ASN B 300 7.58 -14.93 15.33
N VAL B 301 6.83 -15.52 16.22
CA VAL B 301 6.77 -15.16 17.63
C VAL B 301 7.67 -16.12 18.37
N TRP B 302 8.55 -15.59 19.19
CA TRP B 302 9.51 -16.32 19.99
C TRP B 302 9.17 -16.16 21.45
N ASP B 303 9.26 -17.22 22.24
CA ASP B 303 9.44 -17.07 23.68
C ASP B 303 10.79 -16.43 23.91
N ALA B 304 10.82 -15.14 24.27
CA ALA B 304 12.04 -14.40 24.47
C ALA B 304 12.90 -14.98 25.60
N LEU B 305 12.31 -15.64 26.58
CA LEU B 305 13.05 -16.26 27.68
C LEU B 305 13.61 -17.63 27.30
N LYS B 306 12.91 -18.43 26.48
CA LYS B 306 13.36 -19.79 26.12
C LYS B 306 14.01 -19.94 24.75
N ALA B 307 13.80 -18.99 23.85
CA ALA B 307 14.05 -19.10 22.42
C ALA B 307 13.30 -20.23 21.71
N ASP B 308 12.22 -20.72 22.29
CA ASP B 308 11.24 -21.55 21.60
C ASP B 308 10.46 -20.69 20.60
N ARG B 309 10.21 -21.17 19.39
CA ARG B 309 9.34 -20.48 18.44
C ARG B 309 7.90 -20.72 18.83
N ALA B 310 7.29 -19.73 19.48
CA ALA B 310 6.00 -19.83 20.15
C ALA B 310 4.81 -19.75 19.19
N GLY B 311 4.96 -19.17 18.01
CA GLY B 311 3.86 -19.05 17.06
C GLY B 311 4.28 -18.38 15.76
N VAL B 312 3.36 -18.29 14.81
CA VAL B 312 3.60 -17.70 13.50
C VAL B 312 2.41 -16.83 13.10
N LEU B 313 2.69 -15.65 12.58
CA LEU B 313 1.74 -14.74 11.95
C LEU B 313 1.95 -14.88 10.44
N ALA B 314 1.21 -15.79 9.81
CA ALA B 314 1.48 -16.29 8.46
C ALA B 314 0.69 -15.60 7.34
N GLY B 315 0.17 -14.39 7.57
CA GLY B 315 -0.86 -13.80 6.73
C GLY B 315 -0.40 -12.98 5.53
N HIS B 316 0.90 -12.76 5.32
CA HIS B 316 1.41 -11.90 4.25
C HIS B 316 1.94 -12.69 3.06
N ASP B 317 1.84 -12.10 1.87
CA ASP B 317 2.13 -12.69 0.57
C ASP B 317 3.49 -12.25 0.00
N ASN B 318 4.10 -11.27 0.64
CA ASN B 318 5.43 -10.77 0.36
C ASN B 318 6.09 -10.46 1.70
N ARG B 319 7.33 -9.96 1.67
CA ARG B 319 8.18 -9.74 2.85
C ARG B 319 7.45 -8.96 3.94
N VAL B 320 7.40 -9.48 5.16
CA VAL B 320 7.00 -8.67 6.31
C VAL B 320 8.10 -7.66 6.50
N SER B 321 7.85 -6.38 6.29
CA SER B 321 8.83 -5.31 6.38
C SER B 321 8.82 -4.62 7.74
N CYS B 322 7.74 -4.79 8.50
CA CYS B 322 7.46 -4.02 9.70
C CYS B 322 6.83 -4.87 10.78
N LEU B 323 7.04 -4.47 12.02
CA LEU B 323 6.24 -4.84 13.16
C LEU B 323 6.04 -3.60 14.02
N GLY B 324 4.96 -3.58 14.77
CA GLY B 324 4.91 -2.84 16.00
C GLY B 324 3.90 -3.48 16.91
N VAL B 325 4.26 -3.78 18.14
CA VAL B 325 3.30 -4.04 19.20
C VAL B 325 2.79 -2.69 19.72
N THR B 326 1.52 -2.57 20.03
CA THR B 326 0.95 -1.35 20.62
C THR B 326 1.52 -1.09 22.02
N ASP B 327 1.54 0.16 22.48
CA ASP B 327 2.09 0.48 23.82
C ASP B 327 1.31 -0.15 24.99
N ASP B 328 0.00 -0.34 24.85
CA ASP B 328 -0.83 -1.09 25.79
C ASP B 328 -0.73 -2.62 25.59
N GLY B 329 0.04 -3.08 24.61
CA GLY B 329 0.24 -4.48 24.27
C GLY B 329 -0.93 -5.18 23.60
N MET B 330 -2.04 -4.51 23.29
CA MET B 330 -3.25 -5.19 22.80
C MET B 330 -3.02 -5.97 21.51
N ALA B 331 -2.35 -5.38 20.53
CA ALA B 331 -2.14 -5.97 19.22
C ALA B 331 -0.71 -5.82 18.74
N VAL B 332 -0.34 -6.61 17.75
CA VAL B 332 0.78 -6.34 16.86
C VAL B 332 0.26 -5.98 15.48
N ALA B 333 0.70 -4.89 14.90
CA ALA B 333 0.54 -4.64 13.47
C ALA B 333 1.77 -5.16 12.75
N THR B 334 1.59 -5.83 11.64
CA THR B 334 2.68 -6.27 10.76
C THR B 334 2.43 -5.71 9.39
N GLY B 335 3.42 -5.04 8.84
CA GLY B 335 3.38 -4.40 7.52
C GLY B 335 4.21 -5.17 6.53
N SER B 336 3.93 -5.02 5.24
CA SER B 336 4.47 -5.93 4.24
C SER B 336 4.71 -5.28 2.90
N TRP B 337 5.61 -5.88 2.13
CA TRP B 337 5.79 -5.54 0.72
C TRP B 337 4.61 -5.89 -0.15
N ASP B 338 3.67 -6.72 0.31
CA ASP B 338 2.45 -7.02 -0.42
C ASP B 338 1.42 -5.87 -0.38
N SER B 339 1.79 -4.73 0.21
CA SER B 339 1.05 -3.49 0.39
C SER B 339 -0.01 -3.49 1.48
N PHE B 340 -0.08 -4.54 2.31
CA PHE B 340 -1.05 -4.59 3.41
C PHE B 340 -0.37 -4.52 4.78
N LEU B 341 -1.12 -3.92 5.70
CA LEU B 341 -0.92 -3.97 7.14
C LEU B 341 -1.98 -4.87 7.71
N LYS B 342 -1.57 -5.80 8.57
CA LYS B 342 -2.46 -6.71 9.26
C LYS B 342 -2.26 -6.52 10.74
N ILE B 343 -3.34 -6.52 11.50
CA ILE B 343 -3.33 -6.34 12.95
C ILE B 343 -3.76 -7.63 13.61
N TRP B 344 -3.06 -8.07 14.64
CA TRP B 344 -3.15 -9.41 15.18
C TRP B 344 -3.34 -9.43 16.69
N ASN B 345 -4.18 -10.36 17.16
CA ASN B 345 -4.48 -10.65 18.57
C ASN B 345 -4.81 -12.12 18.76
N VAL C 2 -7.04 31.56 9.64
CA VAL C 2 -8.32 30.85 9.36
C VAL C 2 -9.48 31.84 9.36
N GLN C 3 -10.32 31.84 8.32
CA GLN C 3 -11.53 32.67 8.27
C GLN C 3 -12.69 31.94 7.59
N LEU C 4 -13.89 32.37 7.93
CA LEU C 4 -15.15 32.12 7.25
C LEU C 4 -15.88 33.46 7.19
N VAL C 5 -15.93 34.07 6.01
CA VAL C 5 -16.53 35.41 5.80
C VAL C 5 -17.82 35.25 5.01
N GLU C 6 -18.90 35.88 5.46
CA GLU C 6 -20.25 35.46 5.11
C GLU C 6 -21.08 36.63 4.60
N SER C 7 -21.84 36.42 3.54
CA SER C 7 -22.58 37.46 2.82
C SER C 7 -23.85 36.88 2.19
N GLY C 8 -24.71 37.77 1.70
CA GLY C 8 -26.15 37.51 1.56
C GLY C 8 -26.81 37.69 2.93
N GLY C 9 -27.88 38.47 3.00
CA GLY C 9 -28.42 38.97 4.26
C GLY C 9 -29.06 40.35 4.10
N GLY C 10 -29.43 40.97 5.23
CA GLY C 10 -30.30 42.13 5.24
C GLY C 10 -31.78 41.74 5.08
N LEU C 11 -32.60 42.71 4.68
CA LEU C 11 -34.05 42.55 4.52
C LEU C 11 -34.39 41.64 3.33
N VAL C 12 -35.42 40.81 3.49
CA VAL C 12 -36.10 40.07 2.41
C VAL C 12 -37.56 39.84 2.78
N GLN C 13 -38.48 39.79 1.81
CA GLN C 13 -39.90 39.54 2.07
C GLN C 13 -40.18 38.04 2.32
N PRO C 14 -41.18 37.68 3.14
CA PRO C 14 -41.66 36.31 3.25
C PRO C 14 -42.11 35.74 1.90
N GLY C 15 -41.93 34.44 1.72
CA GLY C 15 -42.01 33.74 0.42
C GLY C 15 -40.82 33.99 -0.50
N GLY C 16 -39.99 35.00 -0.20
CA GLY C 16 -38.77 35.32 -0.96
C GLY C 16 -37.65 34.31 -0.78
N SER C 17 -36.52 34.62 -1.39
CA SER C 17 -35.35 33.74 -1.42
C SER C 17 -34.05 34.53 -1.38
N ARG C 18 -33.03 34.00 -0.68
CA ARG C 18 -31.65 34.50 -0.70
C ARG C 18 -30.66 33.34 -0.72
N LYS C 19 -29.56 33.54 -1.44
CA LYS C 19 -28.35 32.73 -1.39
C LYS C 19 -27.45 33.32 -0.30
N LEU C 20 -27.32 32.66 0.85
CA LEU C 20 -26.17 32.93 1.72
C LEU C 20 -24.93 32.33 1.07
N SER C 21 -23.81 33.00 1.20
CA SER C 21 -22.50 32.48 0.85
C SER C 21 -21.50 32.70 1.99
N CYS C 22 -20.53 31.83 2.08
CA CYS C 22 -19.50 31.80 3.08
C CYS C 22 -18.18 31.45 2.38
N SER C 23 -17.31 32.43 2.19
CA SER C 23 -15.99 32.23 1.61
C SER C 23 -14.99 31.86 2.71
N ALA C 24 -14.47 30.65 2.65
CA ALA C 24 -13.37 30.19 3.47
C ALA C 24 -12.02 30.71 2.98
N SER C 25 -11.11 30.98 3.90
CA SER C 25 -9.71 31.26 3.57
C SER C 25 -8.78 30.85 4.71
N GLY C 26 -7.53 30.57 4.39
CA GLY C 26 -6.52 30.18 5.37
C GLY C 26 -6.74 28.80 5.98
N PHE C 27 -7.47 27.89 5.32
CA PHE C 27 -7.58 26.49 5.70
C PHE C 27 -7.98 25.59 4.52
N ALA C 28 -7.78 24.28 4.64
CA ALA C 28 -8.02 23.27 3.63
C ALA C 28 -9.51 22.95 3.42
N PHE C 29 -10.29 23.93 2.95
CA PHE C 29 -11.76 23.92 2.91
C PHE C 29 -12.39 22.61 2.44
N SER C 30 -11.89 22.00 1.37
CA SER C 30 -12.39 20.75 0.81
C SER C 30 -12.41 19.57 1.78
N SER C 31 -11.50 19.56 2.75
CA SER C 31 -11.35 18.48 3.73
C SER C 31 -12.26 18.63 4.95
N PHE C 32 -12.87 19.80 5.13
CA PHE C 32 -13.83 20.07 6.18
C PHE C 32 -15.24 19.79 5.70
N GLY C 33 -16.03 19.09 6.49
CA GLY C 33 -17.46 19.25 6.46
C GLY C 33 -17.83 20.66 6.89
N MET C 34 -18.98 21.14 6.48
CA MET C 34 -19.43 22.48 6.81
C MET C 34 -20.86 22.43 7.29
N HIS C 35 -21.19 23.25 8.28
CA HIS C 35 -22.54 23.40 8.79
C HIS C 35 -22.99 24.83 8.63
N TRP C 36 -24.30 25.03 8.53
CA TRP C 36 -24.92 26.28 8.91
C TRP C 36 -25.58 26.10 10.25
N VAL C 37 -25.41 27.07 11.14
CA VAL C 37 -26.11 27.17 12.40
C VAL C 37 -26.80 28.53 12.44
N ARG C 38 -28.10 28.53 12.69
CA ARG C 38 -28.94 29.72 12.85
C ARG C 38 -28.84 30.20 14.29
N GLN C 39 -29.04 31.49 14.51
CA GLN C 39 -29.38 32.06 15.80
C GLN C 39 -30.44 33.15 15.63
N ALA C 40 -31.69 32.86 15.99
CA ALA C 40 -32.75 33.86 15.95
C ALA C 40 -32.48 34.97 16.98
N PRO C 41 -32.85 36.24 16.73
CA PRO C 41 -32.51 37.35 17.62
C PRO C 41 -32.92 37.11 19.08
N GLU C 42 -31.96 37.23 19.99
CA GLU C 42 -32.06 36.94 21.44
C GLU C 42 -32.43 35.48 21.82
N LYS C 43 -32.57 34.56 20.87
CA LYS C 43 -32.75 33.11 21.08
C LYS C 43 -31.43 32.34 20.99
N GLY C 44 -31.49 31.04 21.23
CA GLY C 44 -30.34 30.13 21.17
C GLY C 44 -29.93 29.70 19.76
N LEU C 45 -28.89 28.89 19.67
CA LEU C 45 -28.39 28.31 18.43
C LEU C 45 -29.32 27.20 17.92
N GLU C 46 -29.52 27.10 16.60
CA GLU C 46 -30.22 26.00 15.95
C GLU C 46 -29.40 25.52 14.76
N TRP C 47 -29.00 24.26 14.70
CA TRP C 47 -28.32 23.74 13.51
C TRP C 47 -29.28 23.64 12.32
N VAL C 48 -28.84 24.10 11.14
CA VAL C 48 -29.66 24.24 9.93
C VAL C 48 -29.39 23.16 8.91
N ALA C 49 -28.14 23.01 8.51
CA ALA C 49 -27.74 22.16 7.40
C ALA C 49 -26.30 21.69 7.58
N TYR C 50 -25.93 20.59 6.94
CA TYR C 50 -24.59 20.06 6.88
C TYR C 50 -24.26 19.62 5.46
N ILE C 51 -23.07 19.89 4.98
CA ILE C 51 -22.51 19.22 3.82
C ILE C 51 -21.14 18.66 4.15
N SER C 52 -20.91 17.38 3.92
CA SER C 52 -19.63 16.77 4.23
C SER C 52 -18.50 17.23 3.30
N SER C 53 -17.27 16.83 3.62
CA SER C 53 -16.12 16.97 2.71
C SER C 53 -16.41 16.21 1.41
N GLY C 54 -16.28 16.85 0.26
CA GLY C 54 -16.58 16.23 -1.03
C GLY C 54 -18.06 16.00 -1.29
N SER C 55 -18.95 16.66 -0.55
CA SER C 55 -20.41 16.72 -0.75
C SER C 55 -21.17 15.39 -0.67
N GLY C 56 -20.53 14.29 -0.28
CA GLY C 56 -21.11 12.94 -0.34
C GLY C 56 -22.28 12.72 0.61
N THR C 57 -22.41 13.55 1.63
CA THR C 57 -23.47 13.53 2.63
C THR C 57 -24.00 14.93 2.79
N ILE C 58 -25.31 15.06 2.86
CA ILE C 58 -25.99 16.29 3.21
C ILE C 58 -27.06 15.97 4.24
N TYR C 59 -27.25 16.84 5.23
CA TYR C 59 -28.33 16.77 6.19
C TYR C 59 -28.95 18.14 6.38
N TYR C 60 -30.19 18.16 6.87
CA TYR C 60 -30.95 19.36 7.20
C TYR C 60 -31.71 19.14 8.50
N ALA C 61 -32.04 20.21 9.21
CA ALA C 61 -33.10 20.21 10.19
C ALA C 61 -34.48 20.11 9.48
N ASP C 62 -35.46 19.46 10.11
CA ASP C 62 -36.81 19.38 9.55
C ASP C 62 -37.46 20.76 9.36
N THR C 63 -37.05 21.76 10.15
CA THR C 63 -37.48 23.15 10.00
C THR C 63 -37.07 23.80 8.68
N VAL C 64 -36.17 23.17 7.90
CA VAL C 64 -35.67 23.70 6.61
C VAL C 64 -35.56 22.65 5.50
N LYS C 65 -35.68 21.36 5.79
CA LYS C 65 -35.49 20.26 4.82
C LYS C 65 -36.37 20.43 3.57
N GLY C 66 -35.77 20.25 2.40
CA GLY C 66 -36.38 20.53 1.09
C GLY C 66 -36.49 22.02 0.74
N ARG C 67 -36.79 22.87 1.72
CA ARG C 67 -36.98 24.32 1.58
C ARG C 67 -35.68 25.12 1.48
N PHE C 68 -34.62 24.67 2.13
CA PHE C 68 -33.24 25.17 1.98
C PHE C 68 -32.39 24.12 1.28
N THR C 69 -31.39 24.55 0.51
CA THR C 69 -30.37 23.66 -0.04
C THR C 69 -28.96 24.15 0.28
N ILE C 70 -28.15 23.28 0.88
CA ILE C 70 -26.74 23.49 1.15
C ILE C 70 -25.92 23.10 -0.08
N SER C 71 -25.04 24.00 -0.51
CA SER C 71 -24.21 23.81 -1.68
C SER C 71 -22.79 24.29 -1.39
N ARG C 72 -21.85 23.93 -2.23
CA ARG C 72 -20.43 23.91 -1.92
C ARG C 72 -19.62 23.95 -3.21
N ASP C 73 -18.64 24.83 -3.28
CA ASP C 73 -17.77 25.04 -4.43
C ASP C 73 -16.31 25.02 -3.95
N ASP C 74 -15.76 23.82 -3.80
CA ASP C 74 -14.41 23.59 -3.26
C ASP C 74 -13.30 24.36 -4.01
N PRO C 75 -13.27 24.40 -5.35
CA PRO C 75 -12.29 25.21 -6.09
C PRO C 75 -12.37 26.72 -5.82
N LYS C 76 -13.53 27.24 -5.38
CA LYS C 76 -13.73 28.64 -4.95
C LYS C 76 -13.67 28.81 -3.43
N ASN C 77 -13.36 27.75 -2.68
CA ASN C 77 -13.36 27.72 -1.22
C ASN C 77 -14.65 28.32 -0.62
N THR C 78 -15.82 28.00 -1.18
CA THR C 78 -17.07 28.68 -0.83
C THR C 78 -18.20 27.72 -0.53
N LEU C 79 -18.96 28.04 0.51
CA LEU C 79 -20.14 27.32 0.97
C LEU C 79 -21.36 28.20 0.77
N PHE C 80 -22.50 27.61 0.42
CA PHE C 80 -23.74 28.32 0.13
C PHE C 80 -24.93 27.73 0.89
N LEU C 81 -25.90 28.57 1.21
CA LEU C 81 -27.24 28.14 1.62
C LEU C 81 -28.25 28.86 0.75
N GLN C 82 -28.83 28.18 -0.24
CA GLN C 82 -29.91 28.73 -1.04
C GLN C 82 -31.22 28.48 -0.29
N MET C 83 -31.86 29.53 0.18
CA MET C 83 -33.07 29.45 0.98
C MET C 83 -34.25 29.80 0.06
N THR C 84 -35.08 28.83 -0.29
CA THR C 84 -35.97 28.97 -1.48
C THR C 84 -37.35 29.57 -1.18
N SER C 85 -37.84 29.47 0.06
CA SER C 85 -39.16 29.94 0.49
C SER C 85 -39.10 30.45 1.92
N LEU C 86 -38.56 31.66 2.11
CA LEU C 86 -38.28 32.23 3.42
C LEU C 86 -39.54 32.59 4.21
N ARG C 87 -39.49 32.45 5.53
CA ARG C 87 -40.58 32.76 6.47
C ARG C 87 -40.03 33.48 7.70
N SER C 88 -40.88 34.12 8.49
CA SER C 88 -40.46 34.91 9.67
C SER C 88 -39.61 34.10 10.66
N GLU C 89 -39.86 32.79 10.78
CA GLU C 89 -39.11 31.86 11.63
C GLU C 89 -37.64 31.67 11.20
N ASP C 90 -37.28 32.09 9.99
CA ASP C 90 -35.91 32.08 9.46
C ASP C 90 -35.11 33.33 9.81
N THR C 91 -35.70 34.36 10.41
CA THR C 91 -34.93 35.57 10.74
C THR C 91 -33.89 35.26 11.82
N ALA C 92 -32.62 35.48 11.50
CA ALA C 92 -31.51 35.04 12.32
C ALA C 92 -30.17 35.56 11.83
N MET C 93 -29.16 35.52 12.68
CA MET C 93 -27.78 35.41 12.21
C MET C 93 -27.49 33.94 11.85
N TYR C 94 -27.04 33.70 10.64
CA TYR C 94 -26.58 32.40 10.18
C TYR C 94 -25.06 32.37 10.26
N TYR C 95 -24.51 31.37 10.92
CA TYR C 95 -23.09 31.11 11.02
C TYR C 95 -22.75 29.91 10.17
N CYS C 96 -21.83 30.10 9.24
CA CYS C 96 -21.06 29.07 8.61
C CYS C 96 -20.07 28.48 9.62
N VAL C 97 -19.98 27.16 9.75
CA VAL C 97 -19.15 26.49 10.76
C VAL C 97 -18.36 25.35 10.15
N ARG C 98 -17.07 25.26 10.44
CA ARG C 98 -16.23 24.13 10.05
C ARG C 98 -16.51 22.91 10.89
N SER C 99 -16.37 21.75 10.31
CA SER C 99 -16.17 20.54 11.11
C SER C 99 -15.33 19.55 10.35
N ILE C 100 -14.59 18.71 11.05
CA ILE C 100 -13.76 17.71 10.40
C ILE C 100 -13.82 16.48 11.27
N TYR C 101 -13.92 15.31 10.66
CA TYR C 101 -14.24 14.07 11.35
C TYR C 101 -13.23 13.01 11.01
N TYR C 102 -12.43 12.67 12.00
CA TYR C 102 -11.49 11.57 12.02
C TYR C 102 -11.23 11.26 13.48
N TYR C 103 -10.64 10.12 13.81
CA TYR C 103 -10.39 9.81 15.21
C TYR C 103 -9.57 10.92 15.89
N GLY C 104 -10.12 11.47 16.97
CA GLY C 104 -9.48 12.54 17.73
C GLY C 104 -9.63 13.95 17.15
N SER C 105 -10.40 14.14 16.07
CA SER C 105 -10.63 15.48 15.52
C SER C 105 -11.53 16.33 16.42
N SER C 106 -11.50 17.63 16.17
CA SER C 106 -12.30 18.64 16.85
C SER C 106 -13.31 19.25 15.88
N PRO C 107 -14.50 18.66 15.66
CA PRO C 107 -15.50 19.29 14.81
C PRO C 107 -16.12 20.53 15.48
N PHE C 108 -16.78 21.38 14.69
CA PHE C 108 -17.34 22.66 15.13
C PHE C 108 -16.29 23.63 15.67
N ASP C 109 -15.02 23.46 15.31
CA ASP C 109 -13.91 24.19 15.93
C ASP C 109 -13.81 25.65 15.52
N PHE C 110 -14.34 26.04 14.36
CA PHE C 110 -14.28 27.40 13.89
C PHE C 110 -15.60 27.83 13.25
N TRP C 111 -16.06 29.03 13.62
CA TRP C 111 -17.33 29.61 13.23
C TRP C 111 -17.08 30.96 12.58
N GLY C 112 -17.73 31.25 11.46
CA GLY C 112 -17.59 32.54 10.82
C GLY C 112 -18.25 33.65 11.63
N GLN C 113 -18.08 34.90 11.21
CA GLN C 113 -18.63 36.05 11.94
C GLN C 113 -20.16 36.15 11.86
N GLY C 114 -20.80 35.31 11.03
CA GLY C 114 -22.22 35.26 10.80
C GLY C 114 -22.70 36.29 9.80
N THR C 115 -23.86 36.04 9.20
CA THR C 115 -24.60 37.01 8.39
C THR C 115 -26.06 37.05 8.81
N THR C 116 -26.66 38.23 8.89
CA THR C 116 -28.01 38.40 9.44
C THR C 116 -29.04 38.47 8.33
N LEU C 117 -30.06 37.64 8.42
CA LEU C 117 -31.20 37.60 7.52
C LEU C 117 -32.44 38.14 8.24
N THR C 118 -33.04 39.19 7.72
CA THR C 118 -34.22 39.83 8.31
C THR C 118 -35.41 39.58 7.41
N VAL C 119 -36.08 38.44 7.60
CA VAL C 119 -37.31 38.12 6.86
C VAL C 119 -38.45 39.01 7.38
N SER C 120 -38.85 40.00 6.58
CA SER C 120 -39.65 41.16 6.98
C SER C 120 -41.00 40.76 7.59
N SER C 121 -41.36 41.37 8.72
CA SER C 121 -42.60 41.13 9.47
C SER C 121 -42.89 42.25 10.46
N SER C 136 -38.87 13.44 17.87
CA SER C 136 -37.93 12.34 18.05
C SER C 136 -36.44 12.78 18.04
N ASP C 137 -36.17 14.07 17.83
CA ASP C 137 -34.85 14.68 17.98
C ASP C 137 -34.35 14.59 19.42
N ILE C 138 -33.03 14.56 19.64
CA ILE C 138 -32.47 14.58 21.00
C ILE C 138 -32.66 15.98 21.59
N VAL C 139 -33.44 16.11 22.65
CA VAL C 139 -33.65 17.39 23.34
C VAL C 139 -32.48 17.64 24.27
N MET C 140 -31.84 18.80 24.15
CA MET C 140 -30.80 19.26 25.06
C MET C 140 -31.37 20.35 25.95
N THR C 141 -31.21 20.23 27.26
CA THR C 141 -31.73 21.18 28.24
C THR C 141 -30.63 21.57 29.22
N GLN C 142 -30.56 22.84 29.60
CA GLN C 142 -29.56 23.33 30.55
C GLN C 142 -30.14 23.69 31.93
N ALA C 143 -31.47 23.58 32.10
CA ALA C 143 -32.20 23.83 33.36
C ALA C 143 -31.86 25.17 34.04
N THR C 144 -31.40 26.15 33.27
CA THR C 144 -30.92 27.47 33.68
C THR C 144 -30.90 28.38 32.44
N SER C 145 -30.92 29.70 32.62
CA SER C 145 -30.92 30.69 31.54
C SER C 145 -29.85 31.77 31.74
N SER C 146 -29.64 32.23 32.98
CA SER C 146 -28.61 33.20 33.34
C SER C 146 -28.01 32.93 34.72
N VAL C 147 -26.77 33.35 34.93
CA VAL C 147 -25.98 33.18 36.15
C VAL C 147 -25.14 34.44 36.38
N PRO C 148 -25.56 35.34 37.29
CA PRO C 148 -24.73 36.47 37.71
C PRO C 148 -23.64 36.00 38.67
N VAL C 149 -22.39 36.36 38.41
CA VAL C 149 -21.20 35.79 39.09
C VAL C 149 -19.97 36.70 38.95
N THR C 150 -18.92 36.47 39.74
CA THR C 150 -17.72 37.32 39.84
C THR C 150 -16.44 36.58 39.41
N PRO C 151 -15.46 37.26 38.77
CA PRO C 151 -14.16 36.67 38.41
C PRO C 151 -13.42 36.04 39.60
N GLY C 152 -12.49 35.14 39.28
CA GLY C 152 -11.65 34.41 40.23
C GLY C 152 -12.29 33.14 40.80
N GLU C 153 -13.58 33.16 41.10
CA GLU C 153 -14.29 31.98 41.63
C GLU C 153 -14.61 30.94 40.54
N SER C 154 -14.82 29.68 40.92
CA SER C 154 -15.25 28.65 39.98
C SER C 154 -16.73 28.79 39.62
N VAL C 155 -17.10 28.34 38.43
CA VAL C 155 -18.49 28.23 37.95
C VAL C 155 -18.72 26.84 37.38
N SER C 156 -19.92 26.29 37.51
CA SER C 156 -20.25 24.94 37.06
C SER C 156 -21.58 24.98 36.32
N ILE C 157 -21.51 25.22 35.00
CA ILE C 157 -22.63 25.16 34.07
C ILE C 157 -23.01 23.69 33.83
N SER C 158 -24.26 23.38 33.57
CA SER C 158 -24.71 22.01 33.36
C SER C 158 -25.72 21.87 32.23
N CYS C 159 -25.83 20.67 31.68
CA CYS C 159 -26.66 20.31 30.55
C CYS C 159 -27.12 18.86 30.73
N ARG C 160 -28.23 18.50 30.11
CA ARG C 160 -28.82 17.16 30.11
C ARG C 160 -29.39 16.87 28.74
N SER C 161 -29.38 15.60 28.34
CA SER C 161 -29.93 15.14 27.07
C SER C 161 -31.08 14.17 27.29
N SER C 162 -32.08 14.20 26.41
CA SER C 162 -33.20 13.25 26.44
C SER C 162 -32.80 11.81 26.12
N LYS C 163 -31.68 11.63 25.41
CA LYS C 163 -31.06 10.35 25.02
C LYS C 163 -29.62 10.31 25.52
N SER C 164 -29.11 9.16 25.91
CA SER C 164 -27.69 9.03 26.29
C SER C 164 -26.79 9.33 25.09
N LEU C 165 -25.90 10.31 25.26
CA LEU C 165 -24.89 10.71 24.27
C LEU C 165 -23.65 9.82 24.31
N LEU C 166 -23.52 8.95 25.32
CA LEU C 166 -22.50 7.92 25.37
C LEU C 166 -22.84 6.82 24.35
N HIS C 167 -22.07 6.77 23.27
CA HIS C 167 -22.23 5.78 22.20
C HIS C 167 -21.54 4.45 22.53
N SER C 168 -21.86 3.39 21.78
CA SER C 168 -21.25 2.06 21.95
C SER C 168 -19.73 2.04 21.76
N ASN C 169 -19.17 3.03 21.05
CA ASN C 169 -17.74 3.22 20.80
C ASN C 169 -17.00 3.93 21.97
N GLY C 170 -17.70 4.30 23.04
CA GLY C 170 -17.13 4.91 24.24
C GLY C 170 -17.00 6.44 24.20
N ASN C 171 -17.27 7.09 23.07
CA ASN C 171 -17.35 8.55 23.00
C ASN C 171 -18.65 9.04 23.62
N THR C 172 -18.62 10.19 24.31
CA THR C 172 -19.83 10.92 24.68
C THR C 172 -19.92 12.19 23.86
N TYR C 173 -20.89 12.31 22.97
CA TYR C 173 -20.91 13.41 22.00
C TYR C 173 -21.54 14.71 22.50
N LEU C 174 -21.13 15.27 23.65
CA LEU C 174 -21.27 16.71 23.84
C LEU C 174 -20.19 17.57 23.26
N TYR C 175 -20.62 18.73 22.82
CA TYR C 175 -19.81 19.88 22.53
C TYR C 175 -20.26 21.01 23.43
N TRP C 176 -19.36 21.80 23.97
CA TRP C 176 -19.67 23.05 24.66
C TRP C 176 -19.15 24.21 23.83
N PHE C 177 -19.98 25.23 23.65
CA PHE C 177 -19.64 26.46 22.99
C PHE C 177 -19.82 27.63 23.94
N LEU C 178 -18.90 28.58 23.92
CA LEU C 178 -19.11 29.90 24.51
C LEU C 178 -19.34 30.87 23.38
N GLN C 179 -20.40 31.65 23.47
CA GLN C 179 -20.57 32.84 22.66
C GLN C 179 -20.48 34.10 23.53
N ARG C 180 -19.45 34.91 23.33
CA ARG C 180 -19.30 36.22 23.98
C ARG C 180 -20.25 37.24 23.34
N PRO C 181 -20.60 38.35 24.04
CA PRO C 181 -21.46 39.39 23.47
C PRO C 181 -20.91 39.95 22.15
N GLY C 182 -21.77 40.06 21.13
CA GLY C 182 -21.43 40.61 19.81
C GLY C 182 -20.48 39.74 18.97
N GLN C 183 -20.30 38.47 19.30
CA GLN C 183 -19.29 37.56 18.74
C GLN C 183 -19.93 36.24 18.29
N SER C 184 -19.35 35.52 17.32
CA SER C 184 -19.82 34.17 16.99
C SER C 184 -19.37 33.14 18.02
N PRO C 185 -20.03 31.98 18.13
CA PRO C 185 -19.65 30.95 19.09
C PRO C 185 -18.22 30.46 18.90
N GLN C 186 -17.64 29.95 19.97
CA GLN C 186 -16.33 29.34 20.01
C GLN C 186 -16.46 27.98 20.69
N LEU C 187 -15.89 26.94 20.11
CA LEU C 187 -15.81 25.64 20.74
C LEU C 187 -14.92 25.71 21.98
N LEU C 188 -15.45 25.30 23.12
CA LEU C 188 -14.68 25.11 24.34
C LEU C 188 -14.27 23.67 24.51
N ILE C 189 -15.24 22.77 24.53
CA ILE C 189 -15.07 21.36 24.79
C ILE C 189 -15.70 20.59 23.65
N TYR C 190 -15.02 19.58 23.11
CA TYR C 190 -15.58 18.64 22.16
C TYR C 190 -15.61 17.26 22.80
N ARG C 191 -16.59 16.45 22.39
CA ARG C 191 -16.77 15.06 22.78
C ARG C 191 -16.69 14.84 24.29
N MET C 192 -17.37 15.74 25.00
CA MET C 192 -17.64 15.82 26.44
C MET C 192 -16.44 16.13 27.34
N SER C 193 -15.26 15.54 27.10
CA SER C 193 -14.09 15.71 27.98
C SER C 193 -13.05 16.70 27.45
N ASN C 194 -12.90 16.85 26.13
CA ASN C 194 -11.67 17.35 25.52
C ASN C 194 -11.76 18.84 25.21
N LEU C 195 -10.84 19.68 25.70
CA LEU C 195 -10.86 21.11 25.38
C LEU C 195 -10.15 21.45 24.06
N ALA C 196 -10.68 22.43 23.33
CA ALA C 196 -10.23 22.82 22.01
C ALA C 196 -8.88 23.57 21.99
N SER C 197 -8.25 23.68 20.82
CA SER C 197 -7.01 24.47 20.67
C SER C 197 -7.27 25.95 20.96
N GLY C 198 -6.39 26.58 21.73
CA GLY C 198 -6.54 27.98 22.16
C GLY C 198 -7.56 28.22 23.28
N VAL C 199 -8.12 27.16 23.87
CA VAL C 199 -8.99 27.25 25.05
C VAL C 199 -8.15 26.93 26.28
N PRO C 200 -8.16 27.79 27.32
CA PRO C 200 -7.33 27.58 28.50
C PRO C 200 -7.87 26.47 29.38
N ASP C 201 -6.98 25.80 30.12
CA ASP C 201 -7.27 24.65 31.00
C ASP C 201 -8.22 24.98 32.17
N ARG C 202 -8.60 26.26 32.31
CA ARG C 202 -9.65 26.73 33.20
C ARG C 202 -11.00 26.11 32.88
N PHE C 203 -11.31 25.84 31.62
CA PHE C 203 -12.50 25.11 31.20
C PHE C 203 -12.27 23.61 31.26
N SER C 204 -13.19 22.85 31.85
CA SER C 204 -13.18 21.39 31.80
C SER C 204 -14.59 20.82 31.69
N GLY C 205 -14.73 19.67 31.04
CA GLY C 205 -15.99 18.99 30.84
C GLY C 205 -16.03 17.63 31.51
N SER C 206 -17.20 17.21 31.95
CA SER C 206 -17.45 15.89 32.54
C SER C 206 -18.94 15.51 32.40
N GLY C 207 -19.28 14.25 32.61
CA GLY C 207 -20.67 13.82 32.52
C GLY C 207 -20.91 12.31 32.65
N SER C 208 -22.17 11.94 32.84
CA SER C 208 -22.64 10.57 33.06
C SER C 208 -23.00 9.80 31.77
N GLY C 209 -23.07 10.50 30.64
CA GLY C 209 -23.69 10.01 29.40
C GLY C 209 -25.06 10.63 29.12
N THR C 210 -25.78 11.10 30.15
CA THR C 210 -27.07 11.82 30.01
C THR C 210 -27.09 13.19 30.69
N ALA C 211 -26.19 13.45 31.63
CA ALA C 211 -26.02 14.73 32.29
C ALA C 211 -24.57 15.16 32.24
N PHE C 212 -24.32 16.45 32.09
CA PHE C 212 -23.02 16.96 31.72
C PHE C 212 -22.74 18.26 32.43
N THR C 213 -21.48 18.53 32.68
CA THR C 213 -21.03 19.73 33.39
C THR C 213 -19.87 20.37 32.66
N LEU C 214 -19.93 21.68 32.47
CA LEU C 214 -18.79 22.51 32.10
C LEU C 214 -18.36 23.31 33.32
N THR C 215 -17.17 23.05 33.83
CA THR C 215 -16.59 23.79 34.95
C THR C 215 -15.64 24.84 34.40
N ILE C 216 -15.86 26.10 34.77
CA ILE C 216 -14.94 27.21 34.55
C ILE C 216 -14.22 27.43 35.89
N SER C 217 -13.08 26.77 36.07
CA SER C 217 -12.42 26.53 37.37
C SER C 217 -11.98 27.82 38.08
N ARG C 218 -11.55 28.82 37.31
CA ARG C 218 -11.31 30.20 37.75
C ARG C 218 -11.87 31.13 36.69
N LEU C 219 -13.00 31.79 36.98
CA LEU C 219 -13.67 32.67 36.01
C LEU C 219 -12.84 33.91 35.68
N GLU C 220 -12.93 34.41 34.46
CA GLU C 220 -12.31 35.66 33.99
C GLU C 220 -13.31 36.51 33.20
N ALA C 221 -13.03 37.80 33.00
CA ALA C 221 -13.96 38.69 32.30
C ALA C 221 -14.22 38.31 30.83
N GLU C 222 -13.29 37.59 30.19
CA GLU C 222 -13.46 37.01 28.85
C GLU C 222 -14.43 35.82 28.81
N ASP C 223 -14.77 35.22 29.95
CA ASP C 223 -15.68 34.07 30.06
C ASP C 223 -17.16 34.49 30.10
N VAL C 224 -17.43 35.79 30.15
CA VAL C 224 -18.77 36.37 30.07
C VAL C 224 -19.37 36.05 28.70
N GLY C 225 -20.57 35.49 28.68
CA GLY C 225 -21.25 35.09 27.45
C GLY C 225 -22.19 33.92 27.65
N VAL C 226 -22.86 33.50 26.58
CA VAL C 226 -23.83 32.41 26.61
C VAL C 226 -23.11 31.10 26.33
N TYR C 227 -23.34 30.09 27.15
CA TYR C 227 -22.77 28.77 26.99
C TYR C 227 -23.82 27.80 26.49
N TYR C 228 -23.56 27.16 25.38
CA TYR C 228 -24.42 26.16 24.77
C TYR C 228 -23.76 24.81 24.85
N CYS C 229 -24.47 23.81 25.36
CA CYS C 229 -24.14 22.44 24.98
C CYS C 229 -24.72 22.14 23.59
N MET C 230 -24.14 21.20 22.87
CA MET C 230 -24.70 20.62 21.65
C MET C 230 -24.44 19.13 21.65
N GLN C 231 -25.39 18.31 21.23
CA GLN C 231 -25.10 16.90 20.96
C GLN C 231 -24.60 16.68 19.54
N HIS C 232 -23.76 15.67 19.35
CA HIS C 232 -23.33 15.19 18.03
C HIS C 232 -23.45 13.67 17.88
N LEU C 233 -24.36 13.05 18.61
CA LEU C 233 -24.62 11.61 18.53
C LEU C 233 -25.34 11.27 17.24
N GLU C 234 -26.33 12.09 16.89
CA GLU C 234 -27.28 11.90 15.79
C GLU C 234 -27.63 13.24 15.17
N TYR C 235 -27.88 13.26 13.86
CA TYR C 235 -28.60 14.38 13.24
C TYR C 235 -30.12 14.26 13.49
N PRO C 236 -30.87 15.36 13.55
CA PRO C 236 -30.40 16.73 13.51
C PRO C 236 -29.57 17.07 14.75
N LEU C 237 -28.55 17.90 14.59
CA LEU C 237 -27.77 18.36 15.74
C LEU C 237 -28.61 19.34 16.54
N THR C 238 -28.50 19.27 17.85
CA THR C 238 -29.36 20.05 18.75
C THR C 238 -28.53 20.68 19.85
N PHE C 239 -28.78 21.95 20.07
CA PHE C 239 -28.16 22.74 21.12
C PHE C 239 -29.06 22.82 22.34
N GLY C 240 -28.47 23.04 23.51
CA GLY C 240 -29.19 23.56 24.67
C GLY C 240 -29.71 24.97 24.40
N ALA C 241 -30.60 25.47 25.26
CA ALA C 241 -31.15 26.82 25.13
C ALA C 241 -30.10 27.93 25.36
N GLY C 242 -28.97 27.60 25.99
CA GLY C 242 -27.90 28.51 26.35
C GLY C 242 -28.05 29.08 27.76
N THR C 243 -26.98 29.02 28.56
CA THR C 243 -26.89 29.65 29.89
C THR C 243 -25.92 30.82 29.83
N LYS C 244 -26.34 32.06 30.08
CA LYS C 244 -25.39 33.17 30.13
C LYS C 244 -24.68 33.29 31.47
N LEU C 245 -23.38 33.50 31.45
CA LEU C 245 -22.63 34.06 32.57
C LEU C 245 -22.53 35.56 32.37
N GLU C 246 -22.70 36.32 33.45
CA GLU C 246 -22.53 37.78 33.46
C GLU C 246 -21.92 38.24 34.79
N LEU C 247 -21.20 39.37 34.77
CA LEU C 247 -20.44 39.85 35.92
C LEU C 247 -21.33 40.18 37.12
N THR D 6 47.63 12.69 10.40
CA THR D 6 46.86 12.01 9.32
C THR D 6 45.55 11.45 9.86
N ALA D 7 44.50 11.37 9.03
CA ALA D 7 43.16 10.97 9.45
C ALA D 7 43.06 9.55 10.02
N SER D 8 43.81 8.59 9.45
CA SER D 8 43.82 7.20 9.92
C SER D 8 44.42 7.06 11.32
N ILE D 9 45.47 7.82 11.65
CA ILE D 9 46.03 7.85 13.02
C ILE D 9 45.07 8.53 14.00
N ALA D 10 44.42 9.64 13.60
CA ALA D 10 43.38 10.26 14.43
C ALA D 10 42.24 9.28 14.73
N GLN D 11 41.75 8.53 13.73
CA GLN D 11 40.75 7.48 13.94
C GLN D 11 41.28 6.32 14.81
N ALA D 12 42.54 5.90 14.66
CA ALA D 12 43.11 4.86 15.53
C ALA D 12 43.21 5.29 17.00
N ARG D 13 43.56 6.56 17.27
CA ARG D 13 43.49 7.15 18.62
C ARG D 13 42.06 7.22 19.14
N LYS D 14 41.12 7.72 18.33
CA LYS D 14 39.68 7.81 18.67
C LYS D 14 39.07 6.43 18.98
N LEU D 15 39.42 5.42 18.19
CA LEU D 15 38.99 4.03 18.37
C LEU D 15 39.57 3.40 19.64
N VAL D 16 40.85 3.65 19.95
CA VAL D 16 41.46 3.26 21.24
C VAL D 16 40.74 3.93 22.42
N GLU D 17 40.49 5.23 22.37
CA GLU D 17 39.78 5.95 23.43
C GLU D 17 38.36 5.38 23.66
N GLN D 18 37.62 5.11 22.58
CA GLN D 18 36.30 4.48 22.65
C GLN D 18 36.37 3.04 23.22
N LEU D 19 37.25 2.18 22.71
CA LEU D 19 37.40 0.81 23.26
C LEU D 19 37.83 0.81 24.73
N LYS D 20 38.66 1.76 25.16
CA LYS D 20 38.98 1.98 26.58
C LYS D 20 37.75 2.37 27.40
N MET D 21 36.97 3.35 26.93
CA MET D 21 35.74 3.79 27.60
C MET D 21 34.68 2.67 27.67
N GLU D 22 34.59 1.78 26.69
CA GLU D 22 33.79 0.56 26.80
C GLU D 22 34.37 -0.47 27.77
N ALA D 23 35.69 -0.68 27.78
CA ALA D 23 36.31 -1.70 28.63
C ALA D 23 36.06 -1.42 30.12
N ASN D 24 36.16 -0.16 30.53
CA ASN D 24 35.93 0.30 31.90
C ASN D 24 34.43 0.51 32.20
N ILE D 25 33.67 -0.60 32.25
CA ILE D 25 32.23 -0.64 32.57
C ILE D 25 31.96 -1.65 33.68
N ASP D 26 31.09 -1.29 34.62
CA ASP D 26 30.74 -2.07 35.81
C ASP D 26 29.72 -3.17 35.51
N ARG D 27 30.10 -4.13 34.67
CA ARG D 27 29.24 -5.22 34.19
C ARG D 27 28.75 -6.11 35.35
N ILE D 28 27.47 -6.44 35.35
CA ILE D 28 26.89 -7.44 36.27
C ILE D 28 27.00 -8.86 35.68
N LYS D 29 26.95 -9.89 36.52
CA LYS D 29 26.94 -11.29 36.05
C LYS D 29 25.72 -11.58 35.17
N VAL D 30 25.90 -12.36 34.11
CA VAL D 30 24.83 -12.69 33.16
C VAL D 30 23.70 -13.44 33.87
N SER D 31 24.00 -14.25 34.90
CA SER D 31 22.97 -14.90 35.70
C SER D 31 22.02 -13.91 36.36
N LYS D 32 22.54 -12.83 36.95
CA LYS D 32 21.72 -11.77 37.55
C LYS D 32 20.90 -11.05 36.48
N ALA D 33 21.52 -10.70 35.36
CA ALA D 33 20.87 -9.98 34.27
C ALA D 33 19.76 -10.80 33.58
N ALA D 34 20.01 -12.07 33.33
CA ALA D 34 19.04 -13.04 32.86
C ALA D 34 17.86 -13.19 33.84
N ALA D 35 18.14 -13.32 35.13
CA ALA D 35 17.10 -13.37 36.15
C ALA D 35 16.28 -12.07 36.23
N ASP D 36 16.86 -10.90 35.95
CA ASP D 36 16.12 -9.63 35.93
C ASP D 36 15.16 -9.50 34.73
N LEU D 37 15.51 -10.01 33.54
CA LEU D 37 14.54 -10.09 32.43
C LEU D 37 13.43 -11.08 32.74
N MET D 38 13.80 -12.24 33.28
CA MET D 38 12.86 -13.25 33.75
C MET D 38 11.88 -12.68 34.78
N ALA D 39 12.37 -11.94 35.77
CA ALA D 39 11.54 -11.30 36.77
C ALA D 39 10.62 -10.22 36.18
N TYR D 40 11.07 -9.43 35.21
CA TYR D 40 10.21 -8.46 34.52
C TYR D 40 9.10 -9.15 33.75
N CYS D 41 9.40 -10.24 33.03
CA CYS D 41 8.37 -11.01 32.37
C CYS D 41 7.37 -11.59 33.36
N GLU D 42 7.80 -12.22 34.45
CA GLU D 42 6.86 -12.75 35.45
C GLU D 42 5.99 -11.65 36.07
N ALA D 43 6.56 -10.51 36.43
CA ALA D 43 5.82 -9.39 36.99
C ALA D 43 4.74 -8.86 36.03
N HIS D 44 5.08 -8.69 34.75
CA HIS D 44 4.18 -8.08 33.75
C HIS D 44 3.41 -9.08 32.90
N ALA D 45 3.53 -10.40 33.13
CA ALA D 45 2.86 -11.42 32.33
C ALA D 45 1.34 -11.24 32.25
N LYS D 46 0.69 -10.93 33.39
CA LYS D 46 -0.76 -10.66 33.46
C LYS D 46 -1.18 -9.41 32.69
N GLU D 47 -0.26 -8.49 32.45
CA GLU D 47 -0.49 -7.19 31.83
C GLU D 47 -0.28 -7.21 30.31
N ASP D 48 -0.07 -8.38 29.71
CA ASP D 48 0.32 -8.54 28.31
C ASP D 48 -0.77 -9.28 27.50
N PRO D 49 -1.55 -8.55 26.69
CA PRO D 49 -2.60 -9.14 25.87
C PRO D 49 -2.14 -10.09 24.77
N LEU D 50 -0.88 -10.07 24.34
CA LEU D 50 -0.39 -11.02 23.35
C LEU D 50 0.02 -12.32 24.02
N LEU D 51 0.67 -12.23 25.18
CA LEU D 51 1.05 -13.39 25.97
C LEU D 51 -0.17 -14.13 26.53
N THR D 52 -1.11 -13.40 27.13
CA THR D 52 -2.38 -13.94 27.65
C THR D 52 -3.53 -13.18 27.01
N PRO D 53 -4.17 -13.72 25.96
CA PRO D 53 -5.28 -13.06 25.28
C PRO D 53 -6.38 -12.61 26.24
N VAL D 54 -6.79 -11.36 26.13
CA VAL D 54 -7.93 -10.80 26.87
C VAL D 54 -9.25 -11.32 26.29
N PRO D 55 -10.32 -11.45 27.08
CA PRO D 55 -11.62 -11.87 26.57
C PRO D 55 -12.16 -10.88 25.55
N ALA D 56 -12.93 -11.37 24.57
CA ALA D 56 -13.42 -10.59 23.43
C ALA D 56 -14.22 -9.33 23.82
N SER D 57 -14.77 -9.29 25.04
CA SER D 57 -15.43 -8.13 25.63
C SER D 57 -14.51 -6.91 25.74
N GLU D 58 -13.23 -7.11 26.07
CA GLU D 58 -12.28 -6.01 26.32
C GLU D 58 -11.12 -5.92 25.31
N ASN D 59 -11.00 -6.89 24.40
CA ASN D 59 -10.17 -6.76 23.21
C ASN D 59 -10.69 -5.64 22.29
N PRO D 60 -9.92 -4.58 21.95
CA PRO D 60 -10.38 -3.53 21.04
C PRO D 60 -10.62 -3.98 19.60
N PHE D 61 -10.08 -5.13 19.22
CA PHE D 61 -10.00 -5.63 17.85
C PHE D 61 -10.93 -6.83 17.65
N ARG D 62 -12.23 -6.62 17.88
CA ARG D 62 -13.28 -7.64 17.81
C ARG D 62 -13.61 -8.05 16.36
N TYR E 176 -20.81 -46.29 -26.26
CA TYR E 176 -19.57 -45.52 -26.02
C TYR E 176 -19.81 -44.20 -25.29
N TYR E 177 -20.44 -43.20 -25.93
CA TYR E 177 -20.30 -41.79 -25.52
C TYR E 177 -20.76 -41.43 -24.09
N ALA E 178 -21.78 -42.10 -23.53
CA ALA E 178 -22.40 -41.74 -22.25
C ALA E 178 -21.42 -41.61 -21.06
N LEU E 179 -20.58 -42.63 -20.83
CA LEU E 179 -19.58 -42.58 -19.75
C LEU E 179 -18.41 -41.66 -20.09
N SER E 180 -18.06 -41.48 -21.38
CA SER E 180 -17.06 -40.49 -21.76
C SER E 180 -17.51 -39.06 -21.41
N TYR E 181 -18.79 -38.71 -21.58
CA TYR E 181 -19.29 -37.40 -21.13
C TYR E 181 -19.22 -37.27 -19.60
N CYS E 182 -19.40 -38.36 -18.85
CA CYS E 182 -19.23 -38.32 -17.39
C CYS E 182 -17.76 -38.05 -17.00
N ALA E 183 -16.80 -38.68 -17.67
CA ALA E 183 -15.39 -38.33 -17.53
C ALA E 183 -15.12 -36.86 -17.92
N LEU E 184 -15.69 -36.37 -19.02
CA LEU E 184 -15.55 -34.96 -19.41
C LEU E 184 -16.16 -34.01 -18.37
N ILE E 185 -17.32 -34.30 -17.79
CA ILE E 185 -17.90 -33.45 -16.74
C ILE E 185 -16.93 -33.34 -15.56
N LEU E 186 -16.35 -34.44 -15.09
CA LEU E 186 -15.35 -34.41 -14.03
C LEU E 186 -14.07 -33.66 -14.44
N ALA E 187 -13.54 -33.91 -15.64
CA ALA E 187 -12.36 -33.21 -16.15
C ALA E 187 -12.57 -31.69 -16.26
N ILE E 188 -13.72 -31.26 -16.77
CA ILE E 188 -14.06 -29.83 -16.92
C ILE E 188 -14.31 -29.20 -15.56
N VAL E 189 -15.02 -29.86 -14.63
CA VAL E 189 -15.24 -29.33 -13.29
C VAL E 189 -13.94 -29.24 -12.49
N PHE E 190 -13.06 -30.24 -12.57
CA PHE E 190 -11.72 -30.17 -11.99
C PHE E 190 -10.90 -29.04 -12.61
N GLY E 191 -10.71 -29.03 -13.93
CA GLY E 191 -9.88 -28.06 -14.62
C GLY E 191 -10.36 -26.62 -14.46
N ASN E 192 -11.61 -26.32 -14.76
CA ASN E 192 -12.12 -24.96 -14.63
C ASN E 192 -12.39 -24.58 -13.17
N GLY E 193 -12.65 -25.55 -12.28
CA GLY E 193 -12.67 -25.33 -10.84
C GLY E 193 -11.30 -24.89 -10.31
N LEU E 194 -10.21 -25.53 -10.75
CA LEU E 194 -8.84 -25.08 -10.46
C LEU E 194 -8.60 -23.64 -10.92
N VAL E 195 -9.02 -23.25 -12.12
CA VAL E 195 -8.88 -21.86 -12.59
C VAL E 195 -9.60 -20.88 -11.67
N CYS E 196 -10.85 -21.15 -11.29
CA CYS E 196 -11.63 -20.30 -10.39
C CYS E 196 -10.97 -20.21 -8.99
N MET E 197 -10.54 -21.35 -8.44
CA MET E 197 -9.88 -21.42 -7.14
C MET E 197 -8.51 -20.72 -7.12
N ALA E 198 -7.68 -20.91 -8.14
CA ALA E 198 -6.38 -20.26 -8.23
C ALA E 198 -6.49 -18.73 -8.28
N VAL E 199 -7.41 -18.16 -9.08
CA VAL E 199 -7.64 -16.71 -9.06
C VAL E 199 -8.30 -16.25 -7.75
N LEU E 200 -9.13 -17.06 -7.11
CA LEU E 200 -9.70 -16.74 -5.78
C LEU E 200 -8.63 -16.66 -4.68
N LYS E 201 -7.64 -17.56 -4.70
CA LYS E 201 -6.53 -17.59 -3.72
C LYS E 201 -5.41 -16.58 -4.01
N GLU E 202 -4.88 -16.57 -5.23
CA GLU E 202 -3.59 -15.96 -5.53
C GLU E 202 -3.75 -14.52 -6.06
N ARG E 203 -3.38 -13.49 -5.30
CA ARG E 203 -3.57 -12.09 -5.72
C ARG E 203 -2.66 -11.66 -6.88
N ALA E 204 -1.54 -12.36 -7.09
CA ALA E 204 -0.75 -12.26 -8.31
C ALA E 204 -1.54 -12.68 -9.57
N LEU E 205 -2.55 -13.55 -9.42
CA LEU E 205 -3.49 -13.92 -10.47
C LEU E 205 -4.74 -13.05 -10.55
N GLN E 206 -5.07 -12.20 -9.58
CA GLN E 206 -6.27 -11.36 -9.58
C GLN E 206 -6.17 -10.13 -10.49
N THR E 207 -5.63 -10.33 -11.68
CA THR E 207 -5.60 -9.33 -12.75
C THR E 207 -6.90 -9.34 -13.53
N THR E 208 -7.26 -8.17 -14.03
CA THR E 208 -8.10 -7.93 -15.21
C THR E 208 -7.94 -9.02 -16.27
N THR E 209 -6.68 -9.32 -16.61
CA THR E 209 -6.32 -10.26 -17.65
C THR E 209 -6.83 -11.67 -17.34
N ASN E 210 -6.83 -12.08 -16.07
CA ASN E 210 -7.28 -13.39 -15.64
C ASN E 210 -8.75 -13.43 -15.23
N TYR E 211 -9.41 -12.30 -14.99
CA TYR E 211 -10.86 -12.28 -14.80
C TYR E 211 -11.58 -12.76 -16.07
N LEU E 212 -11.05 -12.49 -17.25
CA LEU E 212 -11.52 -13.10 -18.49
C LEU E 212 -11.31 -14.61 -18.52
N VAL E 213 -10.20 -15.11 -17.99
CA VAL E 213 -9.89 -16.54 -17.94
C VAL E 213 -10.75 -17.27 -16.91
N VAL E 214 -11.20 -16.58 -15.86
CA VAL E 214 -12.26 -17.02 -14.94
C VAL E 214 -13.63 -16.94 -15.59
N SER E 215 -13.97 -15.91 -16.35
CA SER E 215 -15.20 -15.87 -17.13
C SER E 215 -15.29 -17.04 -18.11
N LEU E 216 -14.19 -17.41 -18.77
CA LEU E 216 -14.08 -18.65 -19.53
C LEU E 216 -14.31 -19.88 -18.65
N ALA E 217 -13.69 -19.93 -17.47
CA ALA E 217 -13.86 -21.05 -16.56
C ALA E 217 -15.29 -21.20 -16.03
N VAL E 218 -16.00 -20.11 -15.78
CA VAL E 218 -17.41 -20.12 -15.39
C VAL E 218 -18.27 -20.65 -16.52
N ALA E 219 -18.07 -20.19 -17.76
CA ALA E 219 -18.76 -20.76 -18.91
C ALA E 219 -18.54 -22.27 -19.03
N ASP E 220 -17.30 -22.74 -18.95
CA ASP E 220 -16.99 -24.16 -18.97
C ASP E 220 -17.54 -24.94 -17.77
N LEU E 221 -17.57 -24.36 -16.57
CA LEU E 221 -18.26 -24.95 -15.42
C LEU E 221 -19.76 -25.06 -15.64
N LEU E 222 -20.43 -24.01 -16.10
CA LEU E 222 -21.86 -24.07 -16.37
C LEU E 222 -22.18 -25.02 -17.53
N VAL E 223 -21.33 -25.13 -18.55
CA VAL E 223 -21.42 -26.22 -19.53
C VAL E 223 -21.37 -27.57 -18.82
N ALA E 224 -20.34 -27.87 -18.02
CA ALA E 224 -20.21 -29.19 -17.42
C ALA E 224 -21.27 -29.51 -16.36
N THR E 225 -21.74 -28.52 -15.60
CA THR E 225 -22.67 -28.72 -14.48
C THR E 225 -24.14 -28.60 -14.89
N LEU E 226 -24.52 -27.60 -15.68
CA LEU E 226 -25.92 -27.43 -16.12
C LEU E 226 -26.21 -28.21 -17.42
N VAL E 227 -25.39 -28.03 -18.44
CA VAL E 227 -25.68 -28.52 -19.80
C VAL E 227 -25.34 -30.00 -19.97
N MET E 228 -24.10 -30.39 -19.69
CA MET E 228 -23.61 -31.73 -20.00
C MET E 228 -24.32 -32.90 -19.31
N PRO E 229 -24.88 -32.85 -18.08
CA PRO E 229 -25.66 -33.99 -17.59
C PRO E 229 -26.91 -34.25 -18.42
N TRP E 230 -27.56 -33.22 -18.98
CA TRP E 230 -28.61 -33.42 -19.97
C TRP E 230 -28.06 -34.03 -21.28
N VAL E 231 -26.84 -33.68 -21.71
CA VAL E 231 -26.19 -34.35 -22.84
C VAL E 231 -25.94 -35.84 -22.54
N VAL E 232 -25.48 -36.18 -21.31
CA VAL E 232 -25.34 -37.56 -20.85
C VAL E 232 -26.69 -38.27 -20.96
N TYR E 233 -27.72 -37.78 -20.29
CA TYR E 233 -29.00 -38.48 -20.24
C TYR E 233 -29.69 -38.53 -21.61
N LEU E 234 -29.61 -37.49 -22.44
CA LEU E 234 -30.13 -37.53 -23.81
C LEU E 234 -29.40 -38.56 -24.68
N GLU E 235 -28.09 -38.73 -24.53
CA GLU E 235 -27.34 -39.75 -25.27
C GLU E 235 -27.57 -41.17 -24.73
N VAL E 236 -27.76 -41.31 -23.41
CA VAL E 236 -28.16 -42.57 -22.74
C VAL E 236 -29.50 -43.07 -23.26
N THR E 237 -30.52 -42.21 -23.41
CA THR E 237 -31.81 -42.60 -23.99
C THR E 237 -31.78 -42.82 -25.51
N GLY E 238 -30.65 -42.56 -26.18
CA GLY E 238 -30.52 -42.67 -27.63
C GLY E 238 -31.08 -41.49 -28.42
N GLY E 239 -31.08 -40.28 -27.83
CA GLY E 239 -31.64 -39.07 -28.43
C GLY E 239 -33.10 -38.81 -28.10
N VAL E 240 -33.63 -39.41 -27.02
CA VAL E 240 -35.05 -39.32 -26.66
C VAL E 240 -35.25 -38.45 -25.41
N TRP E 241 -36.18 -37.52 -25.50
CA TRP E 241 -36.48 -36.54 -24.47
C TRP E 241 -37.76 -36.91 -23.72
N ASN E 242 -37.67 -37.04 -22.40
CA ASN E 242 -38.73 -37.57 -21.53
C ASN E 242 -39.40 -36.49 -20.66
N PHE E 243 -39.29 -35.22 -21.03
CA PHE E 243 -39.60 -34.06 -20.20
C PHE E 243 -40.38 -32.98 -20.99
N SER E 244 -40.94 -32.00 -20.29
CA SER E 244 -41.70 -30.89 -20.90
C SER E 244 -40.89 -30.14 -21.96
N ARG E 245 -41.55 -29.57 -22.97
CA ARG E 245 -40.91 -28.61 -23.89
C ARG E 245 -40.48 -27.30 -23.24
N ILE E 246 -41.04 -26.92 -22.09
CA ILE E 246 -40.45 -25.87 -21.25
C ILE E 246 -39.04 -26.29 -20.81
N CYS E 247 -38.87 -27.53 -20.34
CA CYS E 247 -37.57 -28.07 -19.93
C CYS E 247 -36.61 -28.24 -21.12
N CYS E 248 -37.11 -28.62 -22.30
CA CYS E 248 -36.27 -28.65 -23.51
C CYS E 248 -35.76 -27.25 -23.85
N ASP E 249 -36.62 -26.22 -23.88
CA ASP E 249 -36.16 -24.84 -24.07
C ASP E 249 -35.10 -24.46 -23.02
N VAL E 250 -35.28 -24.82 -21.75
CA VAL E 250 -34.26 -24.55 -20.72
C VAL E 250 -32.93 -25.24 -21.05
N PHE E 251 -32.92 -26.55 -21.32
CA PHE E 251 -31.68 -27.25 -21.71
C PHE E 251 -31.05 -26.66 -22.97
N VAL E 252 -31.82 -26.48 -24.04
CA VAL E 252 -31.35 -25.96 -25.33
C VAL E 252 -30.85 -24.52 -25.21
N THR E 253 -31.54 -23.66 -24.46
CA THR E 253 -31.08 -22.29 -24.25
C THR E 253 -29.84 -22.25 -23.38
N LEU E 254 -29.75 -23.06 -22.31
CA LEU E 254 -28.53 -23.17 -21.52
C LEU E 254 -27.37 -23.71 -22.36
N ASP E 255 -27.59 -24.66 -23.27
CA ASP E 255 -26.53 -25.14 -24.15
C ASP E 255 -26.00 -24.03 -25.07
N VAL E 256 -26.88 -23.36 -25.82
CA VAL E 256 -26.46 -22.24 -26.66
C VAL E 256 -25.89 -21.09 -25.83
N MET E 257 -26.42 -20.81 -24.64
CA MET E 257 -25.91 -19.80 -23.73
C MET E 257 -24.48 -20.15 -23.29
N MET E 258 -24.29 -21.27 -22.61
CA MET E 258 -23.02 -21.58 -21.98
C MET E 258 -21.95 -21.91 -23.03
N CYS E 259 -22.29 -22.57 -24.14
CA CYS E 259 -21.33 -22.74 -25.23
C CYS E 259 -21.00 -21.42 -25.93
N THR E 260 -21.96 -20.54 -26.19
CA THR E 260 -21.62 -19.24 -26.77
C THR E 260 -20.83 -18.38 -25.79
N ALA E 261 -21.03 -18.51 -24.49
CA ALA E 261 -20.20 -17.85 -23.50
C ALA E 261 -18.78 -18.42 -23.53
N SER E 262 -18.56 -19.73 -23.62
CA SER E 262 -17.21 -20.27 -23.78
C SER E 262 -16.57 -19.72 -25.05
N ILE E 263 -17.22 -19.82 -26.21
CA ILE E 263 -16.67 -19.32 -27.49
C ILE E 263 -16.39 -17.83 -27.45
N LEU E 264 -17.31 -16.99 -26.98
CA LEU E 264 -17.09 -15.56 -26.91
C LEU E 264 -16.05 -15.17 -25.86
N ASN E 265 -15.84 -15.95 -24.80
CA ASN E 265 -14.71 -15.73 -23.91
C ASN E 265 -13.38 -15.94 -24.63
N LEU E 266 -13.24 -16.97 -25.49
CA LEU E 266 -12.03 -17.15 -26.31
C LEU E 266 -11.75 -15.90 -27.16
N CYS E 267 -12.79 -15.33 -27.73
CA CYS E 267 -12.70 -14.13 -28.54
C CYS E 267 -12.35 -12.89 -27.70
N ALA E 268 -13.00 -12.67 -26.55
CA ALA E 268 -12.67 -11.60 -25.63
C ALA E 268 -11.22 -11.70 -25.10
N ILE E 269 -10.74 -12.88 -24.74
CA ILE E 269 -9.34 -13.09 -24.36
C ILE E 269 -8.39 -12.75 -25.50
N SER E 270 -8.70 -13.05 -26.76
CA SER E 270 -7.89 -12.61 -27.89
C SER E 270 -7.82 -11.09 -28.01
N ILE E 271 -8.91 -10.37 -27.75
CA ILE E 271 -8.97 -8.92 -27.82
C ILE E 271 -8.26 -8.27 -26.61
N ASP E 272 -8.27 -8.92 -25.45
CA ASP E 272 -7.43 -8.55 -24.32
C ASP E 272 -5.94 -8.67 -24.67
N ARG E 273 -5.52 -9.82 -25.20
CA ARG E 273 -4.16 -10.08 -25.68
C ARG E 273 -3.73 -9.18 -26.84
N TYR E 274 -4.66 -8.67 -27.62
CA TYR E 274 -4.38 -7.66 -28.63
C TYR E 274 -4.16 -6.27 -28.02
N THR E 275 -4.92 -5.93 -26.98
CA THR E 275 -4.72 -4.70 -26.22
C THR E 275 -3.35 -4.68 -25.53
N ALA E 276 -2.92 -5.83 -24.97
CA ALA E 276 -1.59 -6.03 -24.40
C ALA E 276 -0.44 -5.64 -25.36
N VAL E 277 -0.65 -5.76 -26.66
CA VAL E 277 0.38 -5.58 -27.70
C VAL E 277 0.25 -4.24 -28.41
N VAL E 278 -0.97 -3.85 -28.81
CA VAL E 278 -1.22 -2.67 -29.66
C VAL E 278 -1.56 -1.42 -28.87
N MET E 279 -2.06 -1.55 -27.64
CA MET E 279 -2.32 -0.45 -26.72
C MET E 279 -1.57 -0.66 -25.38
N PRO E 280 -0.24 -0.89 -25.41
CA PRO E 280 0.48 -1.50 -24.30
C PRO E 280 0.55 -0.63 -23.06
N VAL E 281 0.59 0.69 -23.23
CA VAL E 281 0.57 1.70 -22.15
C VAL E 281 -0.70 1.62 -21.29
N HIS E 282 -1.88 1.46 -21.90
CA HIS E 282 -3.17 1.31 -21.20
C HIS E 282 -3.22 0.04 -20.35
N TYR E 283 -2.68 -1.05 -20.90
CA TYR E 283 -2.68 -2.37 -20.28
C TYR E 283 -1.62 -2.51 -19.17
N GLN E 284 -0.61 -1.63 -19.09
CA GLN E 284 0.74 -1.93 -18.58
C GLN E 284 0.85 -2.57 -17.20
N HIS E 285 -0.13 -2.37 -16.32
CA HIS E 285 -0.34 -3.18 -15.12
C HIS E 285 -1.76 -3.74 -15.15
N GLY E 286 -1.89 -5.06 -15.04
CA GLY E 286 -3.15 -5.79 -15.27
C GLY E 286 -4.22 -5.63 -14.19
N THR E 287 -4.22 -4.54 -13.42
CA THR E 287 -5.08 -4.30 -12.25
C THR E 287 -5.65 -2.87 -12.21
N GLY E 288 -5.14 -1.94 -13.03
CA GLY E 288 -5.59 -0.54 -13.04
C GLY E 288 -7.05 -0.37 -13.41
N GLN E 289 -7.74 0.63 -12.86
CA GLN E 289 -9.20 0.79 -12.95
C GLN E 289 -9.73 0.87 -14.39
N SER E 290 -9.03 1.54 -15.31
CA SER E 290 -9.44 1.58 -16.72
C SER E 290 -9.30 0.23 -17.44
N SER E 291 -8.34 -0.62 -17.03
CA SER E 291 -8.23 -2.01 -17.54
C SER E 291 -9.34 -2.89 -16.97
N CYS E 292 -9.70 -2.69 -15.70
CA CYS E 292 -10.75 -3.45 -15.01
C CYS E 292 -12.12 -3.11 -15.58
N ARG E 293 -12.39 -1.82 -15.82
CA ARG E 293 -13.54 -1.31 -16.57
C ARG E 293 -13.65 -1.95 -17.96
N ARG E 294 -12.54 -2.04 -18.71
CA ARG E 294 -12.51 -2.69 -20.03
C ARG E 294 -12.91 -4.16 -19.97
N VAL E 295 -12.41 -4.97 -19.03
CA VAL E 295 -12.85 -6.38 -18.92
C VAL E 295 -14.21 -6.56 -18.29
N ALA E 296 -14.67 -5.68 -17.40
CA ALA E 296 -16.06 -5.69 -16.96
C ALA E 296 -17.01 -5.45 -18.15
N LEU E 297 -16.66 -4.54 -19.06
CA LEU E 297 -17.38 -4.33 -20.31
C LEU E 297 -17.36 -5.57 -21.22
N MET E 298 -16.19 -6.09 -21.61
CA MET E 298 -16.16 -7.24 -22.54
C MET E 298 -16.65 -8.56 -21.89
N ILE E 299 -16.51 -8.79 -20.58
CA ILE E 299 -17.18 -9.92 -19.91
C ILE E 299 -18.70 -9.72 -19.98
N THR E 300 -19.22 -8.50 -19.78
CA THR E 300 -20.64 -8.23 -19.96
C THR E 300 -21.08 -8.51 -21.39
N ALA E 301 -20.35 -8.03 -22.40
CA ALA E 301 -20.64 -8.32 -23.81
C ALA E 301 -20.64 -9.83 -24.13
N VAL E 302 -19.70 -10.62 -23.59
CA VAL E 302 -19.68 -12.08 -23.73
C VAL E 302 -20.99 -12.69 -23.22
N TRP E 303 -21.37 -12.42 -21.98
CA TRP E 303 -22.52 -13.06 -21.35
C TRP E 303 -23.86 -12.53 -21.86
N VAL E 304 -23.95 -11.24 -22.18
CA VAL E 304 -25.12 -10.65 -22.83
C VAL E 304 -25.30 -11.20 -24.23
N LEU E 305 -24.26 -11.27 -25.06
CA LEU E 305 -24.41 -11.80 -26.42
C LEU E 305 -24.70 -13.30 -26.42
N ALA E 306 -24.15 -14.06 -25.48
CA ALA E 306 -24.53 -15.46 -25.26
C ALA E 306 -26.02 -15.60 -24.92
N PHE E 307 -26.56 -14.72 -24.08
CA PHE E 307 -27.99 -14.67 -23.83
C PHE E 307 -28.76 -14.26 -25.08
N ALA E 308 -28.37 -13.19 -25.77
CA ALA E 308 -29.06 -12.68 -26.95
C ALA E 308 -29.19 -13.73 -28.07
N VAL E 309 -28.18 -14.58 -28.30
CA VAL E 309 -28.29 -15.66 -29.29
C VAL E 309 -29.03 -16.89 -28.75
N SER E 310 -29.01 -17.17 -27.44
CA SER E 310 -29.72 -18.34 -26.91
C SER E 310 -31.20 -18.07 -26.62
N CYS E 311 -31.58 -16.87 -26.19
CA CYS E 311 -32.93 -16.55 -25.75
C CYS E 311 -34.06 -16.77 -26.78
N PRO E 312 -33.87 -16.70 -28.13
CA PRO E 312 -34.93 -17.02 -29.09
C PRO E 312 -35.46 -18.45 -28.93
N LEU E 313 -34.66 -19.34 -28.35
CA LEU E 313 -35.01 -20.72 -28.08
C LEU E 313 -35.87 -20.90 -26.80
N LEU E 314 -36.05 -19.84 -25.99
CA LEU E 314 -37.09 -19.78 -24.95
C LEU E 314 -38.49 -19.59 -25.56
N PHE E 315 -38.57 -19.16 -26.81
CA PHE E 315 -39.80 -18.90 -27.54
C PHE E 315 -39.77 -19.54 -28.95
N GLY E 316 -40.37 -18.90 -29.94
CA GLY E 316 -40.78 -19.52 -31.21
C GLY E 316 -39.68 -20.09 -32.11
N PHE E 317 -38.39 -19.91 -31.80
CA PHE E 317 -37.30 -20.42 -32.64
C PHE E 317 -36.82 -21.83 -32.27
N ASN E 318 -37.16 -22.40 -31.10
CA ASN E 318 -36.84 -23.80 -30.79
C ASN E 318 -37.85 -24.79 -31.41
N THR E 319 -37.99 -24.80 -32.74
CA THR E 319 -39.00 -25.59 -33.46
C THR E 319 -38.63 -27.08 -33.61
N THR E 320 -38.23 -27.74 -32.52
CA THR E 320 -37.85 -29.16 -32.59
C THR E 320 -39.06 -30.00 -33.04
N GLY E 321 -38.87 -30.94 -33.98
CA GLY E 321 -39.95 -31.50 -34.80
C GLY E 321 -40.97 -32.38 -34.07
N ASP E 322 -40.57 -33.06 -33.00
CA ASP E 322 -41.44 -33.87 -32.15
C ASP E 322 -41.01 -33.74 -30.68
N PRO E 323 -41.94 -33.56 -29.72
CA PRO E 323 -41.69 -33.53 -28.27
C PRO E 323 -40.90 -34.71 -27.66
N THR E 324 -40.82 -35.85 -28.32
CA THR E 324 -39.96 -37.00 -27.96
C THR E 324 -38.48 -36.76 -28.22
N VAL E 325 -38.09 -35.65 -28.83
CA VAL E 325 -36.70 -35.26 -29.08
C VAL E 325 -36.49 -33.78 -28.73
N CYS E 326 -35.26 -33.41 -28.37
CA CYS E 326 -34.87 -32.06 -27.97
C CYS E 326 -33.52 -31.68 -28.59
N SER E 327 -33.55 -30.96 -29.71
CA SER E 327 -32.38 -30.56 -30.51
C SER E 327 -32.72 -29.36 -31.40
N ILE E 328 -31.70 -28.68 -31.94
CA ILE E 328 -31.86 -27.48 -32.79
C ILE E 328 -31.70 -27.91 -34.26
N SER E 329 -32.65 -27.58 -35.14
CA SER E 329 -32.71 -28.20 -36.49
C SER E 329 -33.34 -27.35 -37.60
N ASN E 330 -33.66 -26.08 -37.34
CA ASN E 330 -34.37 -25.19 -38.26
C ASN E 330 -33.44 -24.15 -38.92
N PRO E 331 -33.44 -24.00 -40.26
CA PRO E 331 -32.52 -23.10 -40.97
C PRO E 331 -32.58 -21.64 -40.53
N ASP E 332 -33.77 -21.13 -40.23
CA ASP E 332 -33.97 -19.71 -39.88
C ASP E 332 -33.26 -19.31 -38.58
N PHE E 333 -32.97 -20.26 -37.69
CA PHE E 333 -32.15 -20.03 -36.49
C PHE E 333 -30.72 -20.56 -36.64
N VAL E 334 -30.51 -21.79 -37.12
CA VAL E 334 -29.18 -22.45 -37.10
C VAL E 334 -28.09 -21.65 -37.84
N ILE E 335 -28.41 -21.01 -38.96
CA ILE E 335 -27.45 -20.14 -39.64
C ILE E 335 -27.11 -18.92 -38.79
N TYR E 336 -28.09 -18.09 -38.41
CA TYR E 336 -27.89 -16.91 -37.55
C TYR E 336 -27.12 -17.26 -36.28
N SER E 337 -27.53 -18.34 -35.61
CA SER E 337 -26.90 -18.83 -34.40
C SER E 337 -25.46 -19.27 -34.60
N SER E 338 -25.17 -20.06 -35.64
CA SER E 338 -23.79 -20.48 -35.94
C SER E 338 -22.91 -19.31 -36.34
N VAL E 339 -23.46 -18.34 -37.07
CA VAL E 339 -22.74 -17.13 -37.47
C VAL E 339 -22.40 -16.30 -36.24
N VAL E 340 -23.38 -15.84 -35.48
CA VAL E 340 -23.16 -14.91 -34.37
C VAL E 340 -22.46 -15.57 -33.19
N SER E 341 -22.74 -16.86 -32.92
CA SER E 341 -22.08 -17.60 -31.83
C SER E 341 -20.71 -18.12 -32.20
N PHE E 342 -20.41 -18.35 -33.47
CA PHE E 342 -19.15 -18.97 -33.87
C PHE E 342 -18.48 -18.35 -35.09
N TYR E 343 -19.01 -18.42 -36.30
CA TYR E 343 -18.21 -18.02 -37.47
C TYR E 343 -17.75 -16.55 -37.44
N LEU E 344 -18.54 -15.65 -36.86
CA LEU E 344 -18.14 -14.28 -36.57
C LEU E 344 -17.02 -14.21 -35.50
N PRO E 345 -17.21 -14.63 -34.24
CA PRO E 345 -16.15 -14.55 -33.24
C PRO E 345 -14.95 -15.46 -33.54
N PHE E 346 -15.10 -16.52 -34.32
CA PHE E 346 -14.00 -17.31 -34.86
C PHE E 346 -13.18 -16.51 -35.86
N GLY E 347 -13.82 -15.90 -36.86
CA GLY E 347 -13.14 -15.03 -37.82
C GLY E 347 -12.41 -13.89 -37.13
N VAL E 348 -13.07 -13.19 -36.21
CA VAL E 348 -12.46 -12.12 -35.39
C VAL E 348 -11.29 -12.65 -34.57
N THR E 349 -11.40 -13.80 -33.90
CA THR E 349 -10.31 -14.35 -33.10
C THR E 349 -9.11 -14.77 -33.94
N VAL E 350 -9.32 -15.37 -35.11
CA VAL E 350 -8.24 -15.71 -36.05
C VAL E 350 -7.57 -14.44 -36.56
N LEU E 351 -8.35 -13.45 -36.99
CA LEU E 351 -7.86 -12.15 -37.45
C LEU E 351 -7.03 -11.45 -36.36
N VAL E 352 -7.54 -11.40 -35.13
CA VAL E 352 -6.89 -10.78 -33.97
C VAL E 352 -5.59 -11.50 -33.61
N TYR E 353 -5.56 -12.82 -33.46
CA TYR E 353 -4.30 -13.51 -33.17
C TYR E 353 -3.31 -13.49 -34.33
N ALA E 354 -3.75 -13.54 -35.59
CA ALA E 354 -2.85 -13.35 -36.73
C ALA E 354 -2.23 -11.95 -36.69
N ARG E 355 -3.02 -10.91 -36.41
CA ARG E 355 -2.53 -9.55 -36.22
C ARG E 355 -1.58 -9.43 -35.02
N ILE E 356 -1.81 -10.12 -33.91
CA ILE E 356 -0.84 -10.19 -32.79
C ILE E 356 0.47 -10.79 -33.27
N TYR E 357 0.46 -11.94 -33.92
CA TYR E 357 1.66 -12.58 -34.47
C TYR E 357 2.42 -11.66 -35.44
N VAL E 358 1.70 -10.97 -36.33
CA VAL E 358 2.25 -9.96 -37.24
C VAL E 358 2.88 -8.79 -36.48
N VAL E 359 2.21 -8.22 -35.48
CA VAL E 359 2.78 -7.11 -34.71
C VAL E 359 4.01 -7.54 -33.92
N LEU E 360 4.03 -8.73 -33.32
CA LEU E 360 5.22 -9.26 -32.65
C LEU E 360 6.38 -9.46 -33.63
N LYS E 361 6.15 -10.01 -34.82
CA LYS E 361 7.15 -10.06 -35.89
C LYS E 361 7.64 -8.66 -36.28
N GLN E 362 6.76 -7.68 -36.45
CA GLN E 362 7.16 -6.28 -36.67
C GLN E 362 7.97 -5.68 -35.52
N ARG E 363 7.67 -5.96 -34.24
CA ARG E 363 8.50 -5.53 -33.09
C ARG E 363 9.93 -6.07 -33.23
N ARG E 364 10.12 -7.36 -33.52
CA ARG E 364 11.45 -7.98 -33.72
C ARG E 364 12.19 -7.36 -34.91
N ARG E 365 11.53 -7.20 -36.06
CA ARG E 365 12.10 -6.56 -37.27
C ARG E 365 12.56 -5.13 -36.97
N LYS E 366 11.73 -4.32 -36.28
CA LYS E 366 12.04 -2.94 -35.88
C LYS E 366 13.21 -2.87 -34.88
N ARG E 367 13.31 -3.84 -33.96
CA ARG E 367 14.42 -3.95 -32.99
C ARG E 367 15.76 -4.29 -33.65
N ILE E 368 15.74 -5.22 -34.61
CA ILE E 368 16.87 -5.58 -35.47
C ILE E 368 16.90 -4.67 -36.71
N PRO E 466 13.56 -14.04 -30.08
CA PRO E 466 13.92 -14.68 -28.81
C PRO E 466 12.95 -15.79 -28.39
N LEU E 467 13.40 -16.67 -27.51
CA LEU E 467 12.69 -17.90 -27.10
C LEU E 467 11.24 -17.61 -26.63
N ARG E 468 11.02 -16.54 -25.87
CA ARG E 468 9.68 -16.16 -25.40
C ARG E 468 8.85 -15.36 -26.41
N GLU E 469 9.46 -14.73 -27.41
CA GLU E 469 8.71 -14.23 -28.58
C GLU E 469 8.29 -15.39 -29.51
N LYS E 470 9.07 -16.48 -29.55
CA LYS E 470 8.66 -17.76 -30.15
C LYS E 470 7.58 -18.46 -29.32
N LYS E 471 7.61 -18.37 -27.98
CA LYS E 471 6.51 -18.84 -27.11
C LYS E 471 5.19 -18.15 -27.45
N ALA E 472 5.17 -16.85 -27.74
CA ALA E 472 3.94 -16.17 -28.15
C ALA E 472 3.40 -16.76 -29.47
N THR E 473 4.26 -17.09 -30.43
CA THR E 473 3.85 -17.77 -31.68
C THR E 473 3.32 -19.18 -31.41
N GLN E 474 3.96 -19.95 -30.53
CA GLN E 474 3.46 -21.23 -30.03
C GLN E 474 2.09 -21.09 -29.35
N MET E 475 1.87 -20.09 -28.50
CA MET E 475 0.57 -19.88 -27.85
C MET E 475 -0.52 -19.47 -28.84
N VAL E 476 -0.25 -18.59 -29.79
CA VAL E 476 -1.19 -18.29 -30.88
C VAL E 476 -1.56 -19.54 -31.64
N ALA E 477 -0.59 -20.39 -31.98
CA ALA E 477 -0.85 -21.64 -32.69
C ALA E 477 -1.68 -22.63 -31.86
N ILE E 478 -1.39 -22.81 -30.57
CA ILE E 478 -2.14 -23.70 -29.67
C ILE E 478 -3.57 -23.19 -29.46
N VAL E 479 -3.74 -21.88 -29.29
CA VAL E 479 -5.06 -21.26 -29.11
C VAL E 479 -5.93 -21.41 -30.34
N LEU E 480 -5.46 -20.99 -31.51
CA LEU E 480 -6.23 -21.16 -32.74
C LEU E 480 -6.38 -22.64 -33.09
N GLY E 481 -5.37 -23.47 -32.84
CA GLY E 481 -5.43 -24.91 -33.08
C GLY E 481 -6.54 -25.60 -32.29
N ALA E 482 -6.60 -25.40 -30.97
CA ALA E 482 -7.66 -25.98 -30.16
C ALA E 482 -9.05 -25.41 -30.48
N PHE E 483 -9.15 -24.09 -30.74
CA PHE E 483 -10.43 -23.46 -31.09
C PHE E 483 -10.96 -23.94 -32.46
N ILE E 484 -10.10 -24.14 -33.45
CA ILE E 484 -10.45 -24.83 -34.70
C ILE E 484 -10.85 -26.27 -34.42
N VAL E 485 -9.99 -27.07 -33.80
CA VAL E 485 -10.14 -28.53 -33.68
C VAL E 485 -11.38 -28.92 -32.88
N CYS E 486 -11.75 -28.18 -31.83
CA CYS E 486 -12.97 -28.46 -31.09
C CYS E 486 -14.23 -27.90 -31.77
N TRP E 487 -14.25 -26.59 -32.07
CA TRP E 487 -15.49 -25.93 -32.43
C TRP E 487 -15.81 -25.91 -33.92
N LEU E 488 -14.83 -25.79 -34.81
CA LEU E 488 -15.10 -25.77 -36.25
C LEU E 488 -15.79 -27.05 -36.76
N PRO E 489 -15.37 -28.29 -36.43
CA PRO E 489 -16.06 -29.48 -36.93
C PRO E 489 -17.49 -29.61 -36.39
N PHE E 490 -17.76 -29.12 -35.17
CA PHE E 490 -19.14 -28.99 -34.70
C PHE E 490 -19.93 -28.02 -35.57
N PHE E 491 -19.51 -26.76 -35.70
CA PHE E 491 -20.32 -25.78 -36.41
C PHE E 491 -20.44 -26.03 -37.91
N LEU E 492 -19.50 -26.75 -38.51
CA LEU E 492 -19.70 -27.30 -39.85
C LEU E 492 -20.79 -28.37 -39.83
N THR E 493 -20.66 -29.40 -38.99
CA THR E 493 -21.63 -30.50 -38.93
C THR E 493 -23.05 -30.03 -38.57
N HIS E 494 -23.17 -29.04 -37.71
CA HIS E 494 -24.42 -28.42 -37.29
C HIS E 494 -25.14 -27.70 -38.45
N VAL E 495 -24.40 -26.87 -39.21
CA VAL E 495 -24.94 -26.23 -40.41
C VAL E 495 -25.26 -27.27 -41.50
N LEU E 496 -24.43 -28.30 -41.69
CA LEU E 496 -24.65 -29.33 -42.71
C LEU E 496 -25.82 -30.28 -42.37
N ASN E 497 -26.13 -30.56 -41.10
CA ASN E 497 -27.34 -31.30 -40.73
C ASN E 497 -28.61 -30.54 -41.13
N THR E 498 -28.57 -29.21 -41.04
CA THR E 498 -29.75 -28.36 -41.19
C THR E 498 -29.95 -27.83 -42.61
N HIS E 499 -28.94 -27.17 -43.17
CA HIS E 499 -29.05 -26.32 -44.35
C HIS E 499 -28.61 -27.00 -45.66
N CYS E 500 -27.75 -28.03 -45.59
CA CYS E 500 -27.34 -28.78 -46.76
C CYS E 500 -28.48 -29.64 -47.35
N GLN E 501 -28.54 -29.72 -48.68
CA GLN E 501 -29.31 -30.71 -49.42
C GLN E 501 -28.37 -31.78 -50.01
N THR E 502 -28.73 -33.06 -49.90
CA THR E 502 -27.97 -34.23 -50.41
C THR E 502 -26.65 -34.56 -49.71
N CYS E 503 -26.35 -33.97 -48.55
CA CYS E 503 -25.18 -34.33 -47.74
C CYS E 503 -25.24 -35.77 -47.19
N HIS E 504 -24.07 -36.41 -47.09
CA HIS E 504 -23.86 -37.72 -46.44
C HIS E 504 -23.79 -37.64 -44.90
N VAL E 505 -24.42 -36.62 -44.31
CA VAL E 505 -24.30 -36.24 -42.89
C VAL E 505 -25.10 -37.19 -41.99
N SER E 506 -24.64 -37.43 -40.76
CA SER E 506 -25.19 -38.48 -39.88
C SER E 506 -25.26 -38.10 -38.39
N PRO E 507 -26.14 -38.75 -37.60
CA PRO E 507 -26.15 -38.59 -36.15
C PRO E 507 -24.85 -39.05 -35.50
N GLU E 508 -24.15 -40.02 -36.08
CA GLU E 508 -22.81 -40.41 -35.63
C GLU E 508 -21.84 -39.23 -35.72
N LEU E 509 -21.73 -38.58 -36.87
CA LEU E 509 -20.87 -37.40 -37.03
C LEU E 509 -21.31 -36.24 -36.12
N TYR E 510 -22.61 -36.02 -35.96
CA TYR E 510 -23.11 -34.97 -35.08
C TYR E 510 -22.82 -35.26 -33.60
N SER E 511 -22.95 -36.52 -33.16
CA SER E 511 -22.61 -36.92 -31.79
C SER E 511 -21.09 -36.86 -31.54
N ALA E 512 -20.29 -37.29 -32.50
CA ALA E 512 -18.84 -37.18 -32.43
C ALA E 512 -18.38 -35.71 -32.36
N THR E 513 -18.91 -34.86 -33.24
CA THR E 513 -18.51 -33.45 -33.28
C THR E 513 -19.11 -32.63 -32.14
N THR E 514 -20.29 -32.95 -31.59
CA THR E 514 -20.74 -32.25 -30.38
C THR E 514 -19.89 -32.62 -29.17
N TRP E 515 -19.46 -33.87 -29.06
CA TRP E 515 -18.53 -34.30 -28.02
C TRP E 515 -17.19 -33.53 -28.15
N LEU E 516 -16.64 -33.48 -29.36
CA LEU E 516 -15.44 -32.71 -29.68
C LEU E 516 -15.61 -31.20 -29.43
N GLY E 517 -16.83 -30.66 -29.57
CA GLY E 517 -17.16 -29.29 -29.16
C GLY E 517 -17.05 -29.11 -27.64
N TYR E 518 -17.71 -29.95 -26.84
CA TYR E 518 -17.62 -29.88 -25.38
C TYR E 518 -16.20 -30.13 -24.85
N VAL E 519 -15.37 -30.88 -25.58
CA VAL E 519 -13.94 -31.06 -25.26
C VAL E 519 -13.17 -29.75 -25.22
N ASN E 520 -13.60 -28.68 -25.90
CA ASN E 520 -12.97 -27.37 -25.75
C ASN E 520 -12.94 -26.94 -24.28
N SER E 521 -14.04 -27.11 -23.55
CA SER E 521 -14.09 -26.77 -22.13
C SER E 521 -13.09 -27.57 -21.30
N ALA E 522 -12.74 -28.79 -21.71
CA ALA E 522 -11.71 -29.57 -21.02
C ALA E 522 -10.30 -29.05 -21.33
N LEU E 523 -10.05 -28.61 -22.56
CA LEU E 523 -8.77 -28.03 -22.99
C LEU E 523 -8.56 -26.58 -22.52
N ASN E 524 -9.61 -25.80 -22.27
CA ASN E 524 -9.48 -24.38 -21.96
C ASN E 524 -8.58 -24.04 -20.75
N PRO E 525 -8.64 -24.77 -19.61
CA PRO E 525 -7.65 -24.61 -18.53
C PRO E 525 -6.23 -24.87 -19.01
N VAL E 526 -6.00 -25.92 -19.80
CA VAL E 526 -4.68 -26.24 -20.37
C VAL E 526 -4.16 -25.04 -21.14
N ILE E 527 -4.94 -24.55 -22.11
CA ILE E 527 -4.55 -23.49 -23.04
C ILE E 527 -4.32 -22.15 -22.35
N TYR E 528 -5.25 -21.71 -21.50
CA TYR E 528 -5.24 -20.35 -20.97
C TYR E 528 -4.55 -20.19 -19.62
N THR E 529 -4.19 -21.29 -18.94
CA THR E 529 -3.57 -21.21 -17.61
C THR E 529 -2.32 -22.06 -17.45
N THR E 530 -2.26 -23.30 -17.93
CA THR E 530 -1.08 -24.14 -17.64
C THR E 530 0.19 -23.68 -18.34
N PHE E 531 0.08 -22.86 -19.38
CA PHE E 531 1.22 -22.23 -20.07
C PHE E 531 1.69 -20.91 -19.42
N ASN E 532 1.06 -20.46 -18.33
CA ASN E 532 1.46 -19.27 -17.56
C ASN E 532 2.07 -19.67 -16.20
N ILE E 533 3.18 -19.04 -15.82
CA ILE E 533 3.94 -19.37 -14.60
C ILE E 533 3.17 -19.06 -13.32
N GLU E 534 2.53 -17.90 -13.19
CA GLU E 534 1.75 -17.57 -11.99
C GLU E 534 0.63 -18.59 -11.77
N PHE E 535 -0.05 -19.03 -12.83
CA PHE E 535 -1.03 -20.09 -12.75
C PHE E 535 -0.38 -21.42 -12.35
N ARG E 536 0.72 -21.84 -12.97
CA ARG E 536 1.38 -23.09 -12.55
C ARG E 536 1.82 -23.07 -11.09
N LYS E 537 2.36 -21.96 -10.57
CA LYS E 537 2.68 -21.80 -9.15
C LYS E 537 1.44 -21.97 -8.28
N ALA E 538 0.35 -21.25 -8.59
CA ALA E 538 -0.90 -21.38 -7.85
C ALA E 538 -1.49 -22.81 -7.92
N PHE E 539 -1.46 -23.47 -9.08
CA PHE E 539 -1.92 -24.85 -9.22
C PHE E 539 -1.06 -25.82 -8.42
N LEU E 540 0.27 -25.73 -8.47
CA LEU E 540 1.13 -26.59 -7.67
C LEU E 540 0.91 -26.38 -6.17
N LYS E 541 0.61 -25.16 -5.70
CA LYS E 541 0.19 -24.92 -4.31
C LYS E 541 -1.13 -25.61 -4.00
N ILE E 542 -2.16 -25.43 -4.83
CA ILE E 542 -3.48 -26.06 -4.65
C ILE E 542 -3.42 -27.59 -4.73
N LEU E 543 -2.57 -28.14 -5.61
CA LEU E 543 -2.30 -29.57 -5.75
C LEU E 543 -1.51 -30.14 -4.57
N SER E 544 -0.68 -29.33 -3.93
CA SER E 544 0.06 -29.67 -2.70
C SER E 544 -0.83 -29.67 -1.44
N CYS E 545 -1.77 -28.72 -1.33
CA CYS E 545 -2.69 -28.56 -0.19
C CYS E 545 -3.92 -29.50 -0.22
#